data_6BXC
#
_entry.id   6BXC
#
_cell.length_a   69.380
_cell.length_b   69.413
_cell.length_c   84.561
_cell.angle_alpha   112.14
_cell.angle_beta   104.12
_cell.angle_gamma   100.81
#
_symmetry.space_group_name_H-M   'P 1'
#
loop_
_entity.id
_entity.type
_entity.pdbx_description
1 polymer 'Toll-like receptor 5b, Variable lymphocyte receptor B chimera'
2 polymer 'Variable Lymphocyte Receptor 9 (VLR9)'
3 branched 2-acetamido-2-deoxy-beta-D-glucopyranose-(1-4)-2-acetamido-2-deoxy-beta-D-glucopyranose
4 non-polymer 2-acetamido-2-deoxy-beta-D-glucopyranose
5 non-polymer 1,2-ETHANEDIOL
6 water water
#
loop_
_entity_poly.entity_id
_entity_poly.type
_entity_poly.pdbx_seq_one_letter_code
_entity_poly.pdbx_strand_id
1 'polypeptide(L)'
;ADPGTSECSVIGYNAICINRGLHQVPELPAHVNYVDLSLNSIAELNETSFSRLQDLQFLKVEQQTPGLVIRNNTFRGLSS
LIILKLDYNQFLQLETGAFNGLANLEVLTLTQCNLDGAVLSGNFFKPLTSLEMLVLRDNNIKKIQPASFFLNMRRFHVLD
LTFNKVKSICEEDLLNFQGKHFTLLRLSSITLQDMNEYWLGWEKCGNPFKNTSITTLDLSGNGFKESMAKRFFDAIAGTK
IQSLILSNSYNMGSSFGHTNFKDPDNFTFKGLEASGVKTCDLSKSKIFALLKSVFSHFTDLEQLTLAQNEINKIDDNAFW
GLTHLLKLNLSQNFLGSIDSRMFENLDKLEVLDLSYNHIRALGDQSFLGLPNLKELALDTNQLKSVPDGIFDRLTSLQKI
WLHTNPWDCSCPRIDYLSRWLNKNSQKEQGSAKCSGSGKPVRSIICPTSASLVPR
;
A,B
2 'polypeptide(L)'
;GGHHHHHHGSENLYFQGACPSQCSCSGTTVDCSGKSLASVPGGIPTTTQVLYLYDNQITKLEPGVFDRLVNLQQLWLEIN
QLTSLPAGVFDNLTQLSILNMHTNQLKSIPRGAFDNLKSLTHIWLLNNPWDCACSDILYLSGWLGQHAGKEQGQAVCSGT
NTPVRAVTEASTSPSKCP
;
D,C
#
# COMPACT_ATOMS: atom_id res chain seq x y z
N GLU A 7 8.22 34.34 1.60
CA GLU A 7 8.54 33.85 0.26
C GLU A 7 8.22 32.36 0.11
N CYS A 8 8.08 31.65 1.23
CA CYS A 8 7.67 30.25 1.18
C CYS A 8 6.23 30.12 0.73
N SER A 9 5.92 28.99 0.09
CA SER A 9 4.54 28.68 -0.26
C SER A 9 3.93 27.80 0.84
N VAL A 10 2.97 28.34 1.58
CA VAL A 10 2.30 27.60 2.66
C VAL A 10 0.92 27.16 2.17
N ILE A 11 0.69 25.85 2.16
CA ILE A 11 -0.59 25.26 1.75
C ILE A 11 -1.01 24.26 2.83
N GLY A 12 -1.95 24.65 3.67
CA GLY A 12 -2.33 23.83 4.80
C GLY A 12 -1.19 23.63 5.77
N TYR A 13 -0.84 22.37 6.05
CA TYR A 13 0.25 22.09 6.97
C TYR A 13 1.60 21.95 6.28
N ASN A 14 1.67 22.20 4.98
CA ASN A 14 2.90 22.09 4.21
C ASN A 14 3.52 23.46 3.97
N ALA A 15 4.81 23.58 4.22
CA ALA A 15 5.52 24.81 3.90
C ALA A 15 6.64 24.44 2.92
N ILE A 16 6.55 24.94 1.70
CA ILE A 16 7.52 24.66 0.64
C ILE A 16 8.42 25.87 0.48
N CYS A 17 9.70 25.71 0.81
CA CYS A 17 10.66 26.80 0.75
C CYS A 17 11.86 26.47 -0.14
N ILE A 18 11.65 25.62 -1.14
CA ILE A 18 12.72 25.23 -2.05
C ILE A 18 13.23 26.41 -2.86
N ASN A 19 14.55 26.62 -2.82
CA ASN A 19 15.26 27.58 -3.66
C ASN A 19 14.66 28.99 -3.56
N ARG A 20 14.74 29.54 -2.34
CA ARG A 20 14.22 30.86 -2.04
C ARG A 20 15.34 31.82 -1.64
N GLY A 21 16.59 31.36 -1.74
CA GLY A 21 17.74 32.16 -1.37
C GLY A 21 17.82 32.43 0.11
N LEU A 22 17.25 31.55 0.93
CA LEU A 22 17.20 31.74 2.37
C LEU A 22 18.55 31.42 3.01
N HIS A 23 18.92 32.21 4.01
CA HIS A 23 20.16 32.04 4.77
C HIS A 23 19.90 31.60 6.21
N GLN A 24 18.64 31.50 6.61
CA GLN A 24 18.25 31.04 7.93
C GLN A 24 16.81 30.55 7.84
N VAL A 25 16.40 29.80 8.85
CA VAL A 25 15.03 29.32 8.91
C VAL A 25 14.11 30.53 9.06
N PRO A 26 13.18 30.79 8.16
CA PRO A 26 12.34 31.98 8.31
C PRO A 26 11.26 31.80 9.36
N GLU A 27 10.66 32.92 9.80
CA GLU A 27 9.51 32.82 10.67
C GLU A 27 8.32 32.40 9.81
N LEU A 28 7.65 31.31 10.19
CA LEU A 28 6.49 30.73 9.52
C LEU A 28 5.45 30.31 10.56
N PRO A 29 4.17 30.16 10.19
CA PRO A 29 3.17 29.68 11.15
C PRO A 29 3.58 28.38 11.82
N ALA A 30 3.37 28.37 13.14
CA ALA A 30 3.83 27.41 14.14
C ALA A 30 3.10 26.06 14.11
N HIS A 31 2.07 25.89 13.29
CA HIS A 31 1.28 24.66 13.28
C HIS A 31 1.65 23.68 12.17
N VAL A 32 2.56 24.05 11.27
CA VAL A 32 2.93 23.23 10.11
C VAL A 32 3.64 21.95 10.55
N ASN A 33 3.37 20.85 9.86
CA ASN A 33 4.01 19.58 10.19
C ASN A 33 4.87 19.05 9.07
N TYR A 34 4.85 19.68 7.89
CA TYR A 34 5.75 19.36 6.79
C TYR A 34 6.48 20.62 6.35
N VAL A 35 7.82 20.59 6.38
CA VAL A 35 8.64 21.72 5.97
C VAL A 35 9.75 21.21 5.07
N ASP A 36 9.87 21.82 3.88
CA ASP A 36 10.93 21.53 2.91
C ASP A 36 11.82 22.76 2.73
N LEU A 37 13.07 22.68 3.22
CA LEU A 37 14.02 23.78 3.12
C LEU A 37 15.15 23.52 2.13
N SER A 38 14.97 22.58 1.20
CA SER A 38 16.01 22.19 0.25
C SER A 38 16.43 23.33 -0.68
N LEU A 39 17.68 23.21 -1.17
CA LEU A 39 18.29 24.09 -2.17
C LEU A 39 18.34 25.57 -1.76
N ASN A 40 18.78 25.82 -0.54
CA ASN A 40 19.02 27.18 -0.08
C ASN A 40 20.49 27.33 0.35
N SER A 41 20.81 28.45 0.99
CA SER A 41 22.16 28.81 1.39
C SER A 41 22.30 28.87 2.90
N ILE A 42 21.61 27.99 3.62
CA ILE A 42 21.71 27.97 5.07
C ILE A 42 23.07 27.40 5.47
N ALA A 43 23.87 28.21 6.17
CA ALA A 43 25.22 27.79 6.51
C ALA A 43 25.28 27.07 7.84
N GLU A 44 24.32 27.30 8.72
CA GLU A 44 24.33 26.72 10.06
C GLU A 44 22.92 26.63 10.58
N LEU A 45 22.60 25.49 11.20
CA LEU A 45 21.36 25.31 11.94
C LEU A 45 21.73 25.21 13.40
N ASN A 46 20.99 25.91 14.26
CA ASN A 46 21.24 25.84 15.69
C ASN A 46 19.92 25.69 16.42
N GLU A 47 19.98 25.76 17.76
CA GLU A 47 18.80 25.52 18.58
C GLU A 47 17.69 26.54 18.30
N THR A 48 18.05 27.73 17.83
CA THR A 48 17.07 28.76 17.55
C THR A 48 16.41 28.57 16.20
N SER A 49 16.97 27.69 15.36
CA SER A 49 16.47 27.51 14.00
C SER A 49 15.02 27.04 13.99
N PHE A 50 14.64 26.10 14.86
CA PHE A 50 13.30 25.55 14.87
C PHE A 50 12.57 25.83 16.18
N SER A 51 12.85 26.99 16.77
CA SER A 51 12.19 27.40 18.01
C SER A 51 10.69 27.56 17.84
N ARG A 52 10.23 28.07 16.69
CA ARG A 52 8.81 28.33 16.53
C ARG A 52 8.07 27.23 15.77
N LEU A 53 8.78 26.38 15.04
CA LEU A 53 8.16 25.32 14.25
C LEU A 53 8.08 24.01 15.03
N GLN A 54 7.50 24.04 16.24
CA GLN A 54 7.51 22.83 17.05
C GLN A 54 6.53 21.80 16.52
N ASP A 55 6.55 20.63 17.16
CA ASP A 55 5.75 19.49 16.79
C ASP A 55 6.52 19.04 15.55
N LEU A 56 6.12 19.46 14.34
CA LEU A 56 6.78 19.02 13.09
C LEU A 56 6.88 17.52 12.90
N GLN A 57 6.48 17.01 11.73
CA GLN A 57 6.64 15.60 11.43
C GLN A 57 7.65 15.29 10.33
N PHE A 58 7.84 16.19 9.38
CA PHE A 58 8.67 15.93 8.21
C PHE A 58 9.50 17.15 7.86
N LEU A 59 10.83 17.04 7.92
CA LEU A 59 11.70 18.18 7.69
C LEU A 59 12.75 17.78 6.65
N LYS A 60 12.86 18.59 5.59
CA LYS A 60 13.84 18.41 4.52
C LYS A 60 14.75 19.63 4.42
N VAL A 61 16.06 19.41 4.48
CA VAL A 61 17.04 20.47 4.21
C VAL A 61 18.13 20.00 3.25
N GLU A 62 17.76 19.52 2.07
CA GLU A 62 18.77 19.00 1.15
C GLU A 62 19.53 20.10 0.41
N GLN A 63 20.76 19.74 0.01
CA GLN A 63 21.55 20.44 -0.99
C GLN A 63 21.66 21.93 -0.72
N GLN A 64 22.05 22.26 0.50
CA GLN A 64 22.44 23.62 0.82
C GLN A 64 23.80 23.90 0.17
N THR A 65 24.23 25.16 0.21
CA THR A 65 25.60 25.44 -0.20
C THR A 65 26.57 24.60 0.64
N PRO A 66 27.73 24.25 0.08
CA PRO A 66 28.64 23.32 0.76
C PRO A 66 28.93 23.76 2.20
N GLY A 67 28.99 22.78 3.10
CA GLY A 67 29.49 23.03 4.44
C GLY A 67 28.46 23.28 5.52
N LEU A 68 27.21 22.87 5.32
CA LEU A 68 26.17 23.03 6.33
C LEU A 68 26.62 22.47 7.68
N VAL A 69 26.47 23.27 8.72
CA VAL A 69 26.81 22.86 10.08
C VAL A 69 25.52 22.67 10.87
N ILE A 70 25.39 21.52 11.53
CA ILE A 70 24.25 21.22 12.39
C ILE A 70 24.81 21.18 13.81
N ARG A 71 24.46 22.21 14.58
CA ARG A 71 24.95 22.41 15.93
C ARG A 71 24.18 21.57 16.95
N ASN A 72 24.81 21.42 18.12
CA ASN A 72 24.20 20.72 19.25
C ASN A 72 22.78 21.22 19.50
N ASN A 73 21.85 20.29 19.78
CA ASN A 73 20.50 20.57 20.23
C ASN A 73 19.66 21.28 19.16
N THR A 74 20.07 21.20 17.90
CA THR A 74 19.27 21.72 16.79
C THR A 74 17.84 21.21 16.76
N PHE A 75 17.61 19.94 17.10
CA PHE A 75 16.27 19.36 16.98
C PHE A 75 15.59 19.08 18.32
N ARG A 76 16.12 19.59 19.42
CA ARG A 76 15.49 19.39 20.73
C ARG A 76 14.12 20.07 20.80
N GLY A 77 13.09 19.29 21.15
CA GLY A 77 11.74 19.81 21.21
C GLY A 77 10.86 19.33 20.09
N LEU A 78 11.45 18.86 19.00
CA LEU A 78 10.73 18.36 17.84
C LEU A 78 10.29 16.92 18.10
N SER A 79 9.45 16.76 19.12
CA SER A 79 9.03 15.45 19.57
C SER A 79 8.09 14.74 18.62
N SER A 80 7.59 15.41 17.59
CA SER A 80 6.72 14.77 16.61
C SER A 80 7.46 14.39 15.34
N LEU A 81 8.75 14.72 15.24
CA LEU A 81 9.52 14.50 14.02
C LEU A 81 9.77 13.02 13.76
N ILE A 82 9.32 12.55 12.59
CA ILE A 82 9.43 11.15 12.22
C ILE A 82 10.45 10.93 11.11
N ILE A 83 10.54 11.86 10.17
CA ILE A 83 11.45 11.79 9.03
C ILE A 83 12.29 13.05 8.95
N LEU A 84 13.60 12.89 8.86
CA LEU A 84 14.56 13.99 8.76
C LEU A 84 15.47 13.67 7.58
N LYS A 85 15.39 14.49 6.53
CA LYS A 85 16.18 14.31 5.32
C LYS A 85 17.17 15.46 5.15
N LEU A 86 18.46 15.10 5.04
CA LEU A 86 19.55 16.08 4.98
C LEU A 86 20.54 15.79 3.85
N ASP A 87 20.09 15.13 2.79
CA ASP A 87 20.96 14.65 1.71
C ASP A 87 21.63 15.78 0.90
N TYR A 88 22.74 15.40 0.25
CA TYR A 88 23.47 16.23 -0.72
C TYR A 88 24.03 17.51 -0.10
N ASN A 89 24.30 17.50 1.21
CA ASN A 89 25.02 18.58 1.88
C ASN A 89 26.51 18.26 1.92
N GLN A 90 27.26 18.73 0.93
CA GLN A 90 28.69 18.44 0.83
C GLN A 90 29.44 18.96 2.04
N PHE A 91 30.33 18.11 2.58
CA PHE A 91 31.12 18.46 3.77
C PHE A 91 30.22 18.79 4.96
N LEU A 92 29.13 18.03 5.11
CA LEU A 92 28.24 18.18 6.25
C LEU A 92 29.02 18.03 7.54
N GLN A 93 28.86 19.00 8.43
CA GLN A 93 29.55 19.01 9.71
C GLN A 93 28.53 18.78 10.81
N LEU A 94 28.63 17.64 11.49
CA LEU A 94 27.70 17.30 12.55
C LEU A 94 28.45 17.40 13.86
N GLU A 95 27.98 18.26 14.75
CA GLU A 95 28.39 18.25 16.13
C GLU A 95 27.81 17.01 16.82
N THR A 96 28.47 16.57 17.90
CA THR A 96 28.12 15.26 18.45
C THR A 96 26.74 15.23 19.07
N GLY A 97 26.19 16.39 19.43
CA GLY A 97 24.82 16.44 19.92
C GLY A 97 23.87 16.96 18.86
N ALA A 98 24.22 16.85 17.57
CA ALA A 98 23.38 17.41 16.52
C ALA A 98 21.97 16.84 16.53
N PHE A 99 21.79 15.57 16.90
CA PHE A 99 20.48 14.93 16.85
C PHE A 99 19.89 14.70 18.24
N ASN A 100 20.37 15.42 19.25
CA ASN A 100 19.78 15.38 20.58
C ASN A 100 18.28 15.68 20.51
N GLY A 101 17.51 14.97 21.35
CA GLY A 101 16.08 15.17 21.47
C GLY A 101 15.21 14.43 20.47
N LEU A 102 15.80 13.68 19.55
CA LEU A 102 15.06 12.96 18.50
C LEU A 102 14.82 11.50 18.86
N ALA A 103 14.34 11.26 20.08
CA ALA A 103 14.13 9.90 20.54
C ALA A 103 13.04 9.17 19.77
N ASN A 104 12.16 9.88 19.07
CA ASN A 104 11.06 9.28 18.33
C ASN A 104 11.29 9.22 16.83
N LEU A 105 12.41 9.74 16.34
CA LEU A 105 12.70 9.70 14.91
C LEU A 105 12.76 8.27 14.40
N GLU A 106 12.20 8.05 13.20
CA GLU A 106 12.18 6.74 12.57
C GLU A 106 12.98 6.68 11.28
N VAL A 107 13.09 7.80 10.54
CA VAL A 107 13.77 7.80 9.25
C VAL A 107 14.78 8.95 9.25
N LEU A 108 16.03 8.62 8.93
CA LEU A 108 17.11 9.58 8.77
C LEU A 108 17.84 9.32 7.47
N THR A 109 17.98 10.34 6.63
CA THR A 109 18.70 10.18 5.39
C THR A 109 19.82 11.20 5.31
N LEU A 110 21.04 10.71 5.06
CA LEU A 110 22.25 11.49 5.08
C LEU A 110 23.07 11.14 3.84
N THR A 111 22.36 11.10 2.71
CA THR A 111 22.94 10.71 1.44
C THR A 111 23.85 11.81 0.88
N GLN A 112 25.02 11.39 0.40
CA GLN A 112 25.96 12.24 -0.33
C GLN A 112 26.38 13.44 0.52
N CYS A 113 26.91 13.14 1.71
CA CYS A 113 27.31 14.16 2.66
C CYS A 113 28.79 14.06 3.00
N ASN A 114 29.56 13.31 2.20
CA ASN A 114 30.99 13.09 2.42
C ASN A 114 31.29 12.53 3.80
N LEU A 115 30.36 11.76 4.36
CA LEU A 115 30.56 11.18 5.68
C LEU A 115 31.41 9.93 5.53
N ASP A 116 32.13 9.58 6.60
CA ASP A 116 32.92 8.36 6.63
C ASP A 116 32.43 7.41 7.73
N GLY A 117 33.16 6.31 7.91
CA GLY A 117 32.76 5.26 8.84
C GLY A 117 32.57 5.72 10.27
N ALA A 118 33.19 6.83 10.66
CA ALA A 118 33.04 7.31 12.03
C ALA A 118 31.62 7.76 12.32
N VAL A 119 30.80 7.97 11.30
CA VAL A 119 29.42 8.38 11.51
C VAL A 119 28.60 7.23 12.10
N LEU A 120 29.08 5.98 11.95
CA LEU A 120 28.45 4.79 12.50
C LEU A 120 29.10 4.35 13.80
N SER A 121 30.41 4.59 13.95
CA SER A 121 31.14 4.14 15.12
C SER A 121 31.13 5.21 16.21
N GLY A 122 30.90 6.47 15.84
CA GLY A 122 30.80 7.53 16.81
C GLY A 122 29.42 7.60 17.44
N ASN A 123 29.23 8.62 18.26
CA ASN A 123 28.00 8.75 19.03
C ASN A 123 26.94 9.60 18.36
N PHE A 124 27.12 9.92 17.07
CA PHE A 124 26.16 10.75 16.35
C PHE A 124 24.72 10.21 16.45
N PHE A 125 24.53 8.91 16.28
CA PHE A 125 23.19 8.32 16.22
C PHE A 125 22.74 7.70 17.53
N LYS A 126 23.52 7.85 18.61
CA LYS A 126 23.12 7.30 19.89
C LYS A 126 21.77 7.77 20.40
N PRO A 127 21.35 9.03 20.19
CA PRO A 127 20.01 9.43 20.68
C PRO A 127 18.83 8.87 19.89
N LEU A 128 19.05 8.28 18.72
CA LEU A 128 17.97 7.86 17.83
C LEU A 128 17.48 6.47 18.21
N THR A 129 16.90 6.37 19.42
CA THR A 129 16.53 5.07 19.96
C THR A 129 15.34 4.42 19.25
N SER A 130 14.49 5.20 18.58
CA SER A 130 13.35 4.64 17.85
C SER A 130 13.64 4.48 16.37
N LEU A 131 14.85 4.83 15.94
CA LEU A 131 15.20 4.83 14.53
C LEU A 131 14.93 3.49 13.88
N GLU A 132 14.32 3.51 12.71
CA GLU A 132 13.94 2.34 11.94
C GLU A 132 14.64 2.25 10.60
N MET A 133 14.89 3.39 9.94
CA MET A 133 15.42 3.41 8.59
C MET A 133 16.52 4.45 8.49
N LEU A 134 17.71 4.03 8.05
CA LEU A 134 18.86 4.92 7.96
C LEU A 134 19.43 4.80 6.55
N VAL A 135 19.45 5.91 5.83
CA VAL A 135 19.91 5.96 4.44
C VAL A 135 21.21 6.75 4.42
N LEU A 136 22.30 6.08 4.06
CA LEU A 136 23.63 6.66 4.06
C LEU A 136 24.27 6.46 2.69
N ARG A 137 23.47 6.55 1.66
CA ARG A 137 23.93 6.29 0.31
C ARG A 137 24.99 7.30 -0.10
N ASP A 138 25.96 6.82 -0.88
CA ASP A 138 26.90 7.68 -1.61
C ASP A 138 27.75 8.58 -0.69
N ASN A 139 28.29 7.99 0.38
CA ASN A 139 29.24 8.68 1.22
C ASN A 139 30.63 8.04 1.07
N ASN A 140 31.50 8.25 2.04
CA ASN A 140 32.86 7.72 2.02
C ASN A 140 33.06 6.68 3.12
N ILE A 141 32.06 5.84 3.33
CA ILE A 141 32.13 4.84 4.38
C ILE A 141 32.90 3.65 3.83
N LYS A 142 34.07 3.38 4.39
CA LYS A 142 34.94 2.36 3.88
C LYS A 142 34.84 1.07 4.68
N LYS A 143 34.33 1.17 5.91
CA LYS A 143 34.11 0.02 6.77
C LYS A 143 32.86 0.30 7.57
N ILE A 144 32.04 -0.75 7.72
CA ILE A 144 30.75 -0.66 8.38
C ILE A 144 30.90 -1.22 9.80
N GLN A 145 30.98 -0.34 10.81
CA GLN A 145 31.29 -0.75 12.18
C GLN A 145 30.36 -0.08 13.17
N PRO A 146 29.09 -0.50 13.22
CA PRO A 146 28.13 0.15 14.12
C PRO A 146 28.56 0.03 15.57
N ALA A 147 28.47 1.14 16.30
CA ALA A 147 28.79 1.11 17.72
C ALA A 147 27.72 0.28 18.44
N SER A 148 28.01 -0.03 19.71
CA SER A 148 27.19 -0.97 20.45
C SER A 148 25.77 -0.47 20.74
N PHE A 149 25.53 0.84 20.77
CA PHE A 149 24.18 1.34 21.08
C PHE A 149 23.16 0.94 20.03
N PHE A 150 23.61 0.48 18.87
CA PHE A 150 22.68 -0.01 17.86
C PHE A 150 21.93 -1.23 18.39
N LEU A 151 22.50 -1.93 19.38
CA LEU A 151 21.83 -3.07 20.00
C LEU A 151 20.50 -2.68 20.64
N ASN A 152 20.38 -1.43 21.09
CA ASN A 152 19.16 -1.00 21.78
C ASN A 152 18.25 -0.24 20.86
N MET A 153 18.64 -0.04 19.60
CA MET A 153 17.73 0.54 18.64
C MET A 153 16.89 -0.64 18.19
N ARG A 154 15.81 -0.90 18.94
CA ARG A 154 15.02 -2.13 18.86
C ARG A 154 14.18 -2.24 17.60
N ARG A 155 14.05 -1.12 16.90
CA ARG A 155 13.21 -0.97 15.73
C ARG A 155 13.95 -0.59 14.45
N PHE A 156 15.27 -0.74 14.49
CA PHE A 156 16.15 -0.52 13.35
C PHE A 156 16.06 -1.71 12.38
N HIS A 157 15.54 -1.48 11.16
CA HIS A 157 15.29 -2.56 10.23
C HIS A 157 15.60 -2.21 8.78
N VAL A 158 16.06 -0.98 8.48
CA VAL A 158 16.40 -0.62 7.10
C VAL A 158 17.70 0.18 7.10
N LEU A 159 18.70 -0.31 6.37
CA LEU A 159 20.00 0.33 6.25
C LEU A 159 20.37 0.32 4.78
N ASP A 160 20.68 1.49 4.22
CA ASP A 160 21.06 1.60 2.81
C ASP A 160 22.46 2.22 2.72
N LEU A 161 23.43 1.44 2.24
CA LEU A 161 24.80 1.91 2.13
C LEU A 161 25.29 1.93 0.69
N THR A 162 24.36 1.88 -0.26
CA THR A 162 24.66 1.88 -1.69
C THR A 162 25.63 3.01 -2.05
N PHE A 163 26.61 2.69 -2.91
CA PHE A 163 27.59 3.65 -3.45
C PHE A 163 28.60 4.13 -2.42
N ASN A 164 28.79 3.42 -1.32
CA ASN A 164 29.93 3.65 -0.45
C ASN A 164 31.05 2.72 -0.89
N LYS A 165 32.27 3.25 -0.93
CA LYS A 165 33.38 2.38 -1.32
C LYS A 165 33.82 1.49 -0.16
N VAL A 166 33.00 0.46 0.11
CA VAL A 166 33.29 -0.45 1.20
C VAL A 166 34.35 -1.47 0.79
N LYS A 167 35.45 -1.55 1.55
CA LYS A 167 36.52 -2.51 1.24
C LYS A 167 36.04 -3.95 1.40
N SER A 168 35.36 -4.24 2.51
CA SER A 168 34.88 -5.58 2.86
C SER A 168 33.92 -5.48 4.05
N ILE A 169 33.13 -6.55 4.23
CA ILE A 169 32.21 -6.73 5.35
C ILE A 169 32.53 -8.03 6.06
N CYS A 170 32.76 -7.97 7.37
CA CYS A 170 33.13 -9.16 8.09
C CYS A 170 32.35 -9.26 9.40
N GLU A 171 32.45 -10.43 10.05
CA GLU A 171 31.68 -10.69 11.26
C GLU A 171 31.90 -9.62 12.33
N GLU A 172 33.17 -9.31 12.61
CA GLU A 172 33.47 -8.35 13.68
C GLU A 172 33.03 -6.93 13.32
N ASP A 173 32.97 -6.61 12.04
CA ASP A 173 32.49 -5.29 11.62
C ASP A 173 31.05 -5.09 12.05
N LEU A 174 30.23 -6.09 11.82
CA LEU A 174 28.78 -6.01 11.95
C LEU A 174 28.31 -6.58 13.28
N LEU A 175 29.23 -6.77 14.23
CA LEU A 175 28.98 -7.34 15.54
C LEU A 175 27.73 -6.76 16.17
N ASN A 176 27.55 -5.45 16.06
CA ASN A 176 26.47 -4.75 16.73
C ASN A 176 25.17 -4.76 15.93
N PHE A 177 25.14 -5.44 14.79
CA PHE A 177 23.90 -5.75 14.08
C PHE A 177 23.37 -7.14 14.41
N GLN A 178 24.12 -7.96 15.13
CA GLN A 178 23.70 -9.32 15.47
C GLN A 178 22.44 -9.34 16.31
N GLY A 179 21.54 -10.29 16.00
CA GLY A 179 20.29 -10.44 16.70
C GLY A 179 19.14 -9.74 16.02
N LYS A 180 19.47 -8.87 15.07
CA LYS A 180 18.55 -8.03 14.35
C LYS A 180 17.91 -8.76 13.16
N HIS A 181 16.70 -8.34 12.83
CA HIS A 181 16.08 -8.71 11.56
C HIS A 181 15.96 -7.45 10.71
N PHE A 182 16.69 -7.39 9.61
CA PHE A 182 16.59 -6.29 8.67
C PHE A 182 15.49 -6.60 7.67
N THR A 183 14.61 -5.64 7.39
CA THR A 183 13.67 -5.87 6.30
C THR A 183 14.31 -5.58 4.96
N LEU A 184 15.22 -4.62 4.93
CA LEU A 184 15.99 -4.29 3.74
C LEU A 184 17.39 -3.92 4.18
N LEU A 185 18.38 -4.66 3.68
CA LEU A 185 19.80 -4.32 3.86
C LEU A 185 20.36 -4.14 2.46
N ARG A 186 20.52 -2.90 2.03
CA ARG A 186 20.94 -2.59 0.66
C ARG A 186 22.43 -2.26 0.62
N LEU A 187 23.21 -3.19 0.08
CA LEU A 187 24.66 -3.11 -0.04
C LEU A 187 25.03 -3.12 -1.52
N SER A 188 24.41 -2.22 -2.26
CA SER A 188 24.49 -2.21 -3.71
C SER A 188 25.63 -1.30 -4.16
N SER A 189 26.35 -1.75 -5.18
CA SER A 189 27.47 -1.02 -5.77
C SER A 189 28.49 -0.52 -4.75
N ILE A 190 28.96 -1.41 -3.88
CA ILE A 190 30.01 -1.05 -2.93
C ILE A 190 31.32 -1.76 -3.27
N THR A 191 31.36 -2.47 -4.40
CA THR A 191 32.57 -3.10 -4.92
C THR A 191 33.11 -4.24 -4.04
N LEU A 192 33.34 -4.04 -2.74
CA LEU A 192 33.96 -5.09 -1.90
C LEU A 192 35.28 -5.60 -2.52
N GLN A 193 36.13 -4.63 -2.89
CA GLN A 193 37.34 -4.87 -3.66
C GLN A 193 38.28 -5.90 -3.01
N ASP A 194 38.36 -5.91 -1.68
CA ASP A 194 39.26 -6.83 -1.00
C ASP A 194 38.80 -8.29 -1.08
N MET A 195 37.51 -8.53 -1.25
CA MET A 195 36.98 -9.90 -1.24
C MET A 195 37.12 -10.67 -2.56
N ASN A 196 38.36 -10.83 -3.01
CA ASN A 196 38.65 -11.65 -4.18
C ASN A 196 39.12 -13.04 -3.74
N GLU A 197 39.38 -13.91 -4.73
CA GLU A 197 39.72 -15.31 -4.46
C GLU A 197 41.06 -15.48 -3.74
N TYR A 198 41.93 -14.48 -3.78
CA TYR A 198 43.26 -14.56 -3.19
C TYR A 198 43.35 -13.95 -1.80
N TRP A 199 42.31 -13.26 -1.36
CA TRP A 199 42.33 -12.50 -0.11
C TRP A 199 42.69 -13.38 1.08
N LEU A 200 43.68 -12.96 1.85
CA LEU A 200 44.06 -13.70 3.05
C LEU A 200 43.05 -13.52 4.20
N GLY A 201 42.14 -12.57 4.10
CA GLY A 201 41.23 -12.24 5.18
C GLY A 201 39.98 -13.08 5.29
N TRP A 202 39.78 -14.06 4.43
CA TRP A 202 38.51 -14.80 4.38
C TRP A 202 38.21 -15.54 5.70
N GLU A 203 39.18 -16.27 6.24
CA GLU A 203 38.92 -17.02 7.47
C GLU A 203 38.63 -16.10 8.64
N LYS A 204 39.45 -15.06 8.82
CA LYS A 204 39.18 -14.09 9.86
C LYS A 204 37.85 -13.36 9.64
N CYS A 205 37.39 -13.27 8.38
CA CYS A 205 36.15 -12.56 8.06
C CYS A 205 34.92 -13.21 8.69
N GLY A 206 34.90 -14.53 8.83
CA GLY A 206 33.75 -15.23 9.39
C GLY A 206 32.45 -14.96 8.64
N ASN A 207 31.36 -14.85 9.40
CA ASN A 207 30.05 -14.60 8.82
C ASN A 207 29.56 -13.20 9.20
N PRO A 208 29.61 -12.24 8.28
CA PRO A 208 29.14 -10.86 8.60
C PRO A 208 27.70 -10.80 9.05
N PHE A 209 26.85 -11.72 8.60
CA PHE A 209 25.43 -11.71 8.92
C PHE A 209 25.07 -12.76 9.98
N LYS A 210 26.03 -13.11 10.83
CA LYS A 210 25.79 -14.09 11.89
C LYS A 210 24.60 -13.70 12.77
N ASN A 211 23.74 -14.69 13.04
CA ASN A 211 22.58 -14.52 13.91
C ASN A 211 21.69 -13.37 13.44
N THR A 212 21.65 -13.15 12.13
CA THR A 212 20.93 -12.04 11.54
C THR A 212 20.08 -12.54 10.39
N SER A 213 18.84 -12.09 10.35
CA SER A 213 17.95 -12.46 9.25
C SER A 213 17.60 -11.21 8.47
N ILE A 214 17.32 -11.40 7.18
CA ILE A 214 17.14 -10.31 6.24
C ILE A 214 16.00 -10.67 5.31
N THR A 215 15.01 -9.78 5.18
CA THR A 215 13.93 -10.01 4.24
C THR A 215 14.41 -9.80 2.80
N THR A 216 14.88 -8.59 2.49
CA THR A 216 15.42 -8.27 1.18
C THR A 216 16.89 -7.94 1.35
N LEU A 217 17.76 -8.77 0.77
CA LEU A 217 19.20 -8.52 0.73
C LEU A 217 19.56 -8.04 -0.68
N ASP A 218 19.94 -6.77 -0.82
CA ASP A 218 20.29 -6.18 -2.10
C ASP A 218 21.81 -6.10 -2.25
N LEU A 219 22.37 -6.98 -3.09
CA LEU A 219 23.80 -7.01 -3.36
C LEU A 219 24.13 -6.73 -4.82
N SER A 220 23.28 -5.96 -5.51
CA SER A 220 23.45 -5.66 -6.92
C SER A 220 24.67 -4.75 -7.14
N GLY A 221 25.19 -4.80 -8.37
CA GLY A 221 26.24 -3.88 -8.80
C GLY A 221 27.60 -4.09 -8.15
N ASN A 222 27.92 -5.31 -7.71
CA ASN A 222 29.16 -5.58 -6.98
C ASN A 222 30.08 -6.52 -7.74
N GLY A 223 29.89 -6.69 -9.04
CA GLY A 223 30.78 -7.58 -9.76
C GLY A 223 30.40 -9.05 -9.58
N PHE A 224 30.59 -9.56 -8.36
CA PHE A 224 30.25 -10.93 -8.00
C PHE A 224 30.70 -11.96 -9.04
N LYS A 225 32.00 -11.95 -9.28
CA LYS A 225 32.66 -13.06 -9.95
C LYS A 225 32.22 -14.36 -9.28
N GLU A 226 32.11 -15.41 -10.10
CA GLU A 226 31.59 -16.70 -9.63
C GLU A 226 32.32 -17.14 -8.36
N SER A 227 33.65 -17.05 -8.37
CA SER A 227 34.43 -17.49 -7.21
C SER A 227 34.12 -16.67 -5.98
N MET A 228 33.69 -15.42 -6.16
CA MET A 228 33.35 -14.55 -5.03
C MET A 228 31.97 -14.88 -4.47
N ALA A 229 30.98 -15.06 -5.35
CA ALA A 229 29.66 -15.45 -4.87
C ALA A 229 29.75 -16.72 -4.04
N LYS A 230 30.51 -17.70 -4.53
CA LYS A 230 30.66 -18.96 -3.80
C LYS A 230 31.26 -18.76 -2.41
N ARG A 231 32.34 -17.98 -2.31
CA ARG A 231 32.98 -17.77 -1.01
C ARG A 231 32.10 -16.94 -0.08
N PHE A 232 31.39 -15.97 -0.64
CA PHE A 232 30.54 -15.09 0.16
C PHE A 232 29.34 -15.84 0.74
N PHE A 233 28.66 -16.64 -0.09
CA PHE A 233 27.48 -17.35 0.41
C PHE A 233 27.88 -18.53 1.27
N ASP A 234 29.06 -19.11 1.06
CA ASP A 234 29.60 -20.06 2.03
C ASP A 234 29.83 -19.38 3.37
N ALA A 235 30.36 -18.16 3.32
CA ALA A 235 30.68 -17.42 4.53
C ALA A 235 29.42 -17.08 5.32
N ILE A 236 28.35 -16.71 4.65
CA ILE A 236 27.10 -16.32 5.31
C ILE A 236 26.10 -17.47 5.36
N ALA A 237 26.58 -18.72 5.24
CA ALA A 237 25.70 -19.89 5.25
C ALA A 237 24.76 -19.90 6.45
N GLY A 238 23.48 -20.14 6.19
CA GLY A 238 22.45 -20.22 7.21
C GLY A 238 21.66 -18.95 7.43
N THR A 239 22.08 -17.84 6.85
CA THR A 239 21.35 -16.59 6.97
C THR A 239 20.00 -16.69 6.25
N LYS A 240 18.92 -16.45 7.00
CA LYS A 240 17.56 -16.49 6.47
C LYS A 240 17.32 -15.26 5.60
N ILE A 241 17.12 -15.47 4.30
CA ILE A 241 16.91 -14.39 3.34
C ILE A 241 15.71 -14.74 2.49
N GLN A 242 14.73 -13.82 2.41
CA GLN A 242 13.54 -14.09 1.63
C GLN A 242 13.68 -13.66 0.19
N SER A 243 14.28 -12.50 -0.06
CA SER A 243 14.53 -12.01 -1.42
C SER A 243 15.99 -11.66 -1.57
N LEU A 244 16.65 -12.29 -2.54
CA LEU A 244 18.06 -12.06 -2.82
C LEU A 244 18.14 -11.33 -4.15
N ILE A 245 18.73 -10.15 -4.14
CA ILE A 245 18.92 -9.34 -5.34
C ILE A 245 20.38 -9.34 -5.72
N LEU A 246 20.70 -9.90 -6.88
CA LEU A 246 22.06 -9.97 -7.39
C LEU A 246 22.11 -9.47 -8.83
N SER A 247 21.21 -8.55 -9.18
CA SER A 247 21.20 -7.96 -10.50
C SER A 247 22.45 -7.12 -10.71
N ASN A 248 22.77 -6.86 -11.97
CA ASN A 248 23.97 -6.11 -12.37
C ASN A 248 25.23 -6.72 -11.77
N SER A 249 25.30 -8.05 -11.74
CA SER A 249 26.56 -8.74 -11.46
C SER A 249 27.36 -8.90 -12.75
N TYR A 250 28.11 -7.85 -13.10
CA TYR A 250 28.73 -7.78 -14.43
C TYR A 250 29.88 -8.76 -14.62
N ASN A 251 30.38 -9.34 -13.54
CA ASN A 251 31.42 -10.36 -13.46
C ASN A 251 30.93 -11.78 -13.25
N MET A 252 29.63 -12.01 -13.10
CA MET A 252 29.18 -13.36 -12.75
C MET A 252 29.21 -14.35 -13.93
N GLY A 253 28.42 -14.12 -14.96
CA GLY A 253 28.42 -15.07 -16.07
C GLY A 253 29.70 -15.01 -16.90
N SER A 254 29.94 -16.06 -17.68
CA SER A 254 31.19 -16.10 -18.44
C SER A 254 31.00 -15.47 -19.81
N SER A 255 29.76 -15.17 -20.15
CA SER A 255 29.29 -14.47 -21.34
C SER A 255 29.55 -15.12 -22.69
N PHE A 256 28.96 -14.50 -23.71
CA PHE A 256 29.07 -14.89 -25.11
C PHE A 256 30.46 -14.54 -25.61
N GLY A 257 31.31 -15.50 -25.86
CA GLY A 257 32.57 -14.95 -26.33
C GLY A 257 33.62 -15.00 -25.24
N HIS A 258 34.87 -15.12 -25.66
CA HIS A 258 35.95 -15.36 -24.72
C HIS A 258 36.14 -14.35 -23.60
N THR A 259 35.87 -14.82 -22.40
CA THR A 259 35.86 -14.06 -21.17
C THR A 259 36.79 -14.81 -20.23
N ASN A 260 37.00 -14.26 -19.04
CA ASN A 260 37.93 -14.87 -18.13
C ASN A 260 37.19 -15.43 -16.92
N PHE A 261 35.89 -15.17 -16.84
CA PHE A 261 35.01 -15.49 -15.72
C PHE A 261 34.32 -16.81 -16.04
N LYS A 262 33.73 -17.44 -15.02
CA LYS A 262 33.09 -18.73 -15.19
C LYS A 262 31.59 -18.59 -14.95
N ASP A 263 30.78 -19.49 -15.58
CA ASP A 263 29.38 -19.53 -15.19
C ASP A 263 29.19 -20.21 -13.84
N PRO A 264 28.14 -19.84 -13.09
CA PRO A 264 27.88 -20.53 -11.84
C PRO A 264 27.52 -21.98 -12.07
N ASP A 265 27.84 -22.82 -11.09
CA ASP A 265 27.46 -24.24 -11.13
C ASP A 265 26.74 -24.60 -9.84
N ASN A 266 26.62 -25.90 -9.58
CA ASN A 266 25.85 -26.41 -8.46
C ASN A 266 26.47 -26.08 -7.11
N PHE A 267 27.70 -25.55 -7.09
CA PHE A 267 28.34 -25.16 -5.84
C PHE A 267 28.24 -23.66 -5.55
N THR A 268 27.97 -22.83 -6.55
CA THR A 268 28.06 -21.39 -6.39
C THR A 268 27.20 -20.88 -5.23
N PHE A 269 25.95 -21.36 -5.13
CA PHE A 269 24.99 -20.86 -4.15
C PHE A 269 24.71 -21.86 -3.03
N LYS A 270 25.59 -22.84 -2.82
CA LYS A 270 25.35 -23.88 -1.83
C LYS A 270 25.13 -23.33 -0.42
N GLY A 271 25.80 -22.24 -0.03
CA GLY A 271 25.58 -21.70 1.30
C GLY A 271 24.17 -21.22 1.59
N LEU A 272 23.33 -21.03 0.56
CA LEU A 272 21.97 -20.55 0.75
C LEU A 272 20.95 -21.67 0.84
N GLU A 273 21.40 -22.92 0.88
CA GLU A 273 20.52 -24.09 0.98
C GLU A 273 19.43 -23.93 2.03
N ALA A 274 19.79 -23.45 3.22
CA ALA A 274 18.86 -23.37 4.34
C ALA A 274 18.42 -21.93 4.62
N SER A 275 18.46 -21.08 3.59
CA SER A 275 18.17 -19.66 3.76
C SER A 275 16.69 -19.37 3.56
N GLY A 276 15.96 -20.31 2.96
CA GLY A 276 14.54 -20.11 2.70
C GLY A 276 14.25 -19.06 1.67
N VAL A 277 15.13 -18.89 0.68
CA VAL A 277 14.96 -17.83 -0.30
C VAL A 277 13.70 -18.07 -1.13
N LYS A 278 12.86 -17.04 -1.23
CA LYS A 278 11.60 -17.13 -1.96
C LYS A 278 11.68 -16.48 -3.34
N THR A 279 12.43 -15.38 -3.49
CA THR A 279 12.61 -14.72 -4.78
C THR A 279 14.09 -14.43 -4.95
N CYS A 280 14.58 -14.59 -6.18
CA CYS A 280 15.97 -14.36 -6.51
C CYS A 280 16.05 -13.60 -7.82
N ASP A 281 16.78 -12.50 -7.81
CA ASP A 281 16.93 -11.63 -8.97
C ASP A 281 18.39 -11.70 -9.42
N LEU A 282 18.63 -12.34 -10.57
CA LEU A 282 19.96 -12.46 -11.17
C LEU A 282 20.00 -11.78 -12.54
N SER A 283 19.13 -10.81 -12.75
CA SER A 283 19.00 -10.13 -14.04
C SER A 283 20.18 -9.20 -14.32
N LYS A 284 20.29 -8.82 -15.60
CA LYS A 284 21.31 -7.88 -16.09
C LYS A 284 22.73 -8.34 -15.76
N SER A 285 22.97 -9.64 -15.84
CA SER A 285 24.32 -10.14 -15.62
C SER A 285 24.83 -10.69 -16.96
N LYS A 286 25.80 -11.59 -16.90
CA LYS A 286 26.44 -12.04 -18.12
C LYS A 286 26.50 -13.56 -18.15
N ILE A 287 25.46 -14.20 -17.63
CA ILE A 287 25.38 -15.66 -17.61
C ILE A 287 25.19 -16.17 -19.02
N PHE A 288 25.99 -17.15 -19.40
CA PHE A 288 25.99 -17.73 -20.74
C PHE A 288 25.33 -19.09 -20.78
N ALA A 289 25.60 -19.93 -19.79
CA ALA A 289 25.02 -21.26 -19.73
C ALA A 289 24.45 -21.52 -18.34
N LEU A 290 23.29 -22.18 -18.31
CA LEU A 290 22.70 -22.65 -17.06
C LEU A 290 23.19 -24.07 -16.84
N LEU A 291 24.05 -24.26 -15.84
CA LEU A 291 24.67 -25.56 -15.61
C LEU A 291 23.78 -26.41 -14.72
N LYS A 292 24.08 -27.70 -14.65
CA LYS A 292 23.21 -28.61 -13.94
C LYS A 292 23.19 -28.28 -12.44
N SER A 293 21.99 -28.34 -11.85
CA SER A 293 21.79 -28.09 -10.43
C SER A 293 22.32 -26.74 -9.95
N VAL A 294 22.49 -25.76 -10.85
CA VAL A 294 22.98 -24.46 -10.43
C VAL A 294 22.03 -23.80 -9.43
N PHE A 295 20.74 -24.10 -9.51
CA PHE A 295 19.75 -23.53 -8.59
C PHE A 295 19.22 -24.55 -7.61
N SER A 296 19.91 -25.68 -7.46
CA SER A 296 19.37 -26.79 -6.69
C SER A 296 19.34 -26.52 -5.19
N HIS A 297 19.92 -25.42 -4.72
CA HIS A 297 19.91 -25.07 -3.32
C HIS A 297 18.82 -24.06 -2.97
N PHE A 298 18.07 -23.59 -3.97
CA PHE A 298 16.95 -22.69 -3.78
C PHE A 298 15.65 -23.50 -3.70
N THR A 299 15.55 -24.38 -2.69
CA THR A 299 14.42 -25.31 -2.66
C THR A 299 13.10 -24.66 -2.28
N ASP A 300 13.10 -23.42 -1.81
CA ASP A 300 11.89 -22.70 -1.47
C ASP A 300 11.56 -21.61 -2.49
N LEU A 301 12.40 -21.45 -3.50
CA LEU A 301 12.28 -20.32 -4.41
C LEU A 301 10.96 -20.35 -5.16
N GLU A 302 10.30 -19.20 -5.20
CA GLU A 302 9.02 -19.02 -5.87
C GLU A 302 9.13 -18.15 -7.11
N GLN A 303 10.08 -17.22 -7.15
CA GLN A 303 10.26 -16.38 -8.32
C GLN A 303 11.75 -16.30 -8.63
N LEU A 304 12.08 -16.47 -9.90
CA LEU A 304 13.47 -16.45 -10.37
C LEU A 304 13.46 -15.71 -11.69
N THR A 305 14.19 -14.61 -11.77
CA THR A 305 14.40 -13.91 -13.03
C THR A 305 15.85 -14.01 -13.47
N LEU A 306 16.03 -14.37 -14.73
CA LEU A 306 17.34 -14.42 -15.37
C LEU A 306 17.35 -13.50 -16.59
N ALA A 307 16.44 -12.53 -16.58
CA ALA A 307 16.28 -11.59 -17.68
C ALA A 307 17.55 -10.80 -17.96
N GLN A 308 17.71 -10.44 -19.23
CA GLN A 308 18.80 -9.58 -19.70
C GLN A 308 20.18 -10.13 -19.34
N ASN A 309 20.37 -11.43 -19.54
CA ASN A 309 21.72 -11.98 -19.43
C ASN A 309 22.26 -12.22 -20.84
N GLU A 310 23.10 -13.23 -20.98
CA GLU A 310 23.60 -13.62 -22.29
C GLU A 310 23.41 -15.11 -22.48
N ILE A 311 22.31 -15.64 -21.96
CA ILE A 311 22.13 -17.08 -21.89
C ILE A 311 21.90 -17.65 -23.28
N ASN A 312 22.81 -18.52 -23.73
CA ASN A 312 22.69 -19.18 -25.01
C ASN A 312 22.37 -20.67 -24.88
N LYS A 313 22.71 -21.28 -23.75
CA LYS A 313 22.60 -22.72 -23.56
C LYS A 313 21.98 -22.96 -22.19
N ILE A 314 21.07 -23.93 -22.12
CA ILE A 314 20.53 -24.44 -20.87
C ILE A 314 20.79 -25.94 -20.78
N ASP A 315 21.72 -26.34 -19.91
CA ASP A 315 22.02 -27.76 -19.81
C ASP A 315 20.86 -28.51 -19.16
N ASP A 316 20.88 -29.83 -19.31
CA ASP A 316 19.95 -30.72 -18.63
C ASP A 316 19.98 -30.55 -17.12
N ASN A 317 18.78 -30.59 -16.51
CA ASN A 317 18.60 -30.48 -15.07
C ASN A 317 19.14 -29.17 -14.50
N ALA A 318 19.07 -28.11 -15.29
CA ALA A 318 19.47 -26.78 -14.82
C ALA A 318 18.53 -26.28 -13.74
N PHE A 319 17.28 -26.75 -13.76
CA PHE A 319 16.22 -26.31 -12.87
C PHE A 319 15.91 -27.34 -11.80
N TRP A 320 16.83 -28.29 -11.61
CA TRP A 320 16.71 -29.31 -10.59
C TRP A 320 16.50 -28.72 -9.21
N GLY A 321 15.49 -29.24 -8.50
CA GLY A 321 15.22 -28.86 -7.13
C GLY A 321 14.21 -27.75 -6.98
N LEU A 322 13.78 -27.12 -8.06
CA LEU A 322 12.85 -26.00 -7.96
C LEU A 322 11.40 -26.48 -7.95
N THR A 323 11.07 -27.31 -6.95
CA THR A 323 9.77 -27.97 -6.89
C THR A 323 8.65 -26.98 -6.62
N HIS A 324 8.97 -25.79 -6.15
CA HIS A 324 7.97 -24.79 -5.80
C HIS A 324 8.01 -23.57 -6.71
N LEU A 325 8.90 -23.53 -7.68
CA LEU A 325 9.07 -22.34 -8.50
C LEU A 325 7.78 -22.05 -9.26
N LEU A 326 7.31 -20.80 -9.19
CA LEU A 326 6.07 -20.41 -9.81
C LEU A 326 6.26 -19.46 -10.99
N LYS A 327 7.36 -18.71 -11.02
CA LYS A 327 7.58 -17.71 -12.05
C LYS A 327 9.02 -17.78 -12.53
N LEU A 328 9.22 -17.89 -13.85
CA LEU A 328 10.56 -17.94 -14.43
C LEU A 328 10.62 -16.92 -15.55
N ASN A 329 11.48 -15.91 -15.39
CA ASN A 329 11.66 -14.86 -16.41
C ASN A 329 13.01 -15.05 -17.09
N LEU A 330 12.98 -15.40 -18.39
CA LEU A 330 14.17 -15.60 -19.21
C LEU A 330 14.26 -14.61 -20.36
N SER A 331 13.57 -13.48 -20.26
CA SER A 331 13.52 -12.47 -21.31
C SER A 331 14.87 -11.81 -21.59
N GLN A 332 15.06 -11.43 -22.86
CA GLN A 332 16.28 -10.74 -23.33
C GLN A 332 17.55 -11.57 -23.12
N ASN A 333 17.56 -12.75 -23.71
CA ASN A 333 18.76 -13.59 -23.76
C ASN A 333 18.99 -14.03 -25.20
N PHE A 334 19.73 -15.11 -25.40
CA PHE A 334 20.09 -15.52 -26.75
C PHE A 334 19.75 -16.98 -26.96
N LEU A 335 18.60 -17.41 -26.44
CA LEU A 335 18.21 -18.81 -26.57
C LEU A 335 18.06 -19.10 -28.05
N GLY A 336 18.58 -20.25 -28.49
CA GLY A 336 18.42 -20.60 -29.89
C GLY A 336 17.29 -21.52 -30.29
N SER A 337 17.02 -22.53 -29.50
CA SER A 337 15.91 -23.45 -29.74
C SER A 337 15.46 -24.04 -28.42
N ILE A 338 14.17 -24.38 -28.35
CA ILE A 338 13.58 -24.89 -27.14
C ILE A 338 13.23 -26.35 -27.40
N ASP A 339 13.55 -27.21 -26.44
CA ASP A 339 13.16 -28.61 -26.45
C ASP A 339 12.56 -29.01 -25.11
N SER A 340 12.01 -30.23 -25.10
CA SER A 340 11.30 -30.77 -23.94
C SER A 340 12.22 -30.86 -22.72
N ARG A 341 13.48 -31.26 -22.92
CA ARG A 341 14.40 -31.46 -21.80
C ARG A 341 14.66 -30.18 -21.02
N MET A 342 14.63 -29.02 -21.69
CA MET A 342 15.14 -27.79 -21.09
C MET A 342 14.35 -27.38 -19.84
N PHE A 343 13.05 -27.62 -19.83
CA PHE A 343 12.20 -27.18 -18.72
C PHE A 343 11.73 -28.33 -17.82
N GLU A 344 12.51 -29.39 -17.72
CA GLU A 344 12.20 -30.41 -16.73
C GLU A 344 12.38 -29.85 -15.32
N ASN A 345 11.77 -30.55 -14.36
CA ASN A 345 11.84 -30.22 -12.94
C ASN A 345 11.14 -28.91 -12.60
N LEU A 346 10.11 -28.54 -13.34
CA LEU A 346 9.35 -27.31 -13.09
C LEU A 346 7.84 -27.59 -13.14
N ASP A 347 7.41 -28.68 -12.49
CA ASP A 347 6.03 -29.16 -12.60
C ASP A 347 5.01 -28.10 -12.18
N LYS A 348 5.35 -27.24 -11.22
CA LYS A 348 4.43 -26.24 -10.68
C LYS A 348 4.52 -24.88 -11.37
N LEU A 349 5.34 -24.73 -12.41
CA LEU A 349 5.55 -23.43 -13.03
C LEU A 349 4.24 -22.86 -13.56
N GLU A 350 4.01 -21.59 -13.28
CA GLU A 350 2.79 -20.92 -13.73
C GLU A 350 3.02 -19.77 -14.70
N VAL A 351 4.18 -19.12 -14.67
CA VAL A 351 4.47 -17.98 -15.54
C VAL A 351 5.86 -18.21 -16.12
N LEU A 352 5.96 -18.20 -17.46
CA LEU A 352 7.23 -18.39 -18.14
C LEU A 352 7.39 -17.29 -19.18
N ASP A 353 8.41 -16.46 -19.02
CA ASP A 353 8.69 -15.36 -19.94
C ASP A 353 9.90 -15.70 -20.81
N LEU A 354 9.65 -15.96 -22.09
CA LEU A 354 10.69 -16.27 -23.07
C LEU A 354 10.77 -15.21 -24.17
N SER A 355 10.21 -14.03 -23.94
CA SER A 355 10.20 -12.94 -24.90
C SER A 355 11.61 -12.39 -25.15
N TYR A 356 11.74 -11.70 -26.29
CA TYR A 356 12.98 -11.05 -26.70
C TYR A 356 14.18 -12.00 -26.68
N ASN A 357 14.03 -13.10 -27.41
CA ASN A 357 15.10 -14.09 -27.49
C ASN A 357 15.38 -14.32 -28.96
N HIS A 358 16.10 -15.38 -29.29
CA HIS A 358 16.45 -15.69 -30.67
C HIS A 358 15.90 -17.06 -31.07
N ILE A 359 14.76 -17.45 -30.50
CA ILE A 359 14.22 -18.77 -30.71
C ILE A 359 13.64 -18.90 -32.11
N ARG A 360 14.12 -19.91 -32.83
CA ARG A 360 13.69 -20.25 -34.18
C ARG A 360 12.99 -21.60 -34.25
N ALA A 361 12.99 -22.37 -33.15
CA ALA A 361 12.41 -23.70 -33.15
C ALA A 361 11.87 -24.07 -31.77
N LEU A 362 10.69 -24.67 -31.76
CA LEU A 362 10.08 -25.28 -30.58
C LEU A 362 10.04 -26.78 -30.77
N GLY A 363 10.62 -27.51 -29.82
CA GLY A 363 10.57 -28.97 -29.87
C GLY A 363 9.17 -29.50 -29.66
N ASP A 364 8.95 -30.72 -30.17
CA ASP A 364 7.62 -31.33 -30.15
C ASP A 364 6.94 -31.23 -28.78
N GLN A 365 7.65 -31.58 -27.72
CA GLN A 365 7.07 -31.63 -26.37
C GLN A 365 7.64 -30.54 -25.46
N SER A 366 7.90 -29.35 -26.01
CA SER A 366 8.63 -28.30 -25.29
C SER A 366 8.00 -27.97 -23.95
N PHE A 367 6.67 -27.95 -23.87
CA PHE A 367 5.98 -27.50 -22.67
C PHE A 367 5.24 -28.63 -21.98
N LEU A 368 5.70 -29.87 -22.21
CA LEU A 368 5.04 -31.07 -21.69
C LEU A 368 4.95 -31.06 -20.17
N GLY A 369 6.05 -30.71 -19.50
CA GLY A 369 6.09 -30.80 -18.05
C GLY A 369 5.60 -29.59 -17.29
N LEU A 370 4.67 -28.84 -17.86
CA LEU A 370 4.16 -27.63 -17.22
C LEU A 370 2.63 -27.66 -17.17
N PRO A 371 2.05 -28.62 -16.44
CA PRO A 371 0.59 -28.78 -16.46
C PRO A 371 -0.15 -27.63 -15.80
N ASN A 372 0.53 -26.86 -14.95
CA ASN A 372 -0.06 -25.76 -14.19
C ASN A 372 0.24 -24.40 -14.81
N LEU A 373 0.89 -24.36 -15.97
CA LEU A 373 1.27 -23.11 -16.62
C LEU A 373 0.06 -22.22 -16.93
N LYS A 374 0.10 -20.98 -16.45
CA LYS A 374 -0.97 -20.01 -16.70
C LYS A 374 -0.59 -18.94 -17.72
N GLU A 375 0.67 -18.48 -17.73
CA GLU A 375 1.12 -17.40 -18.61
C GLU A 375 2.40 -17.79 -19.34
N LEU A 376 2.39 -17.72 -20.66
CA LEU A 376 3.54 -18.07 -21.49
C LEU A 376 3.79 -16.95 -22.49
N ALA A 377 4.94 -16.27 -22.37
CA ALA A 377 5.32 -15.21 -23.30
C ALA A 377 6.39 -15.74 -24.25
N LEU A 378 6.10 -15.69 -25.55
CA LEU A 378 7.06 -16.09 -26.58
C LEU A 378 7.24 -15.03 -27.67
N ASP A 379 6.79 -13.81 -27.43
CA ASP A 379 6.86 -12.74 -28.42
C ASP A 379 8.29 -12.28 -28.69
N THR A 380 8.45 -11.57 -29.80
CA THR A 380 9.71 -10.96 -30.22
C THR A 380 10.84 -11.99 -30.29
N ASN A 381 10.59 -13.03 -31.07
CA ASN A 381 11.59 -14.05 -31.40
C ASN A 381 11.68 -14.16 -32.92
N GLN A 382 12.02 -15.35 -33.42
CA GLN A 382 12.16 -15.55 -34.86
C GLN A 382 11.42 -16.82 -35.30
N LEU A 383 10.33 -17.15 -34.62
CA LEU A 383 9.57 -18.36 -34.92
C LEU A 383 8.76 -18.15 -36.20
N LYS A 384 8.91 -19.09 -37.14
CA LYS A 384 8.11 -19.07 -38.36
C LYS A 384 6.93 -20.04 -38.34
N SER A 385 6.96 -21.05 -37.48
CA SER A 385 5.95 -22.10 -37.44
C SER A 385 6.07 -22.79 -36.09
N VAL A 386 5.02 -23.51 -35.70
CA VAL A 386 5.09 -24.34 -34.50
C VAL A 386 4.63 -25.74 -34.86
N PRO A 387 5.06 -26.74 -34.10
CA PRO A 387 4.57 -28.11 -34.34
C PRO A 387 3.11 -28.24 -33.94
N ASP A 388 2.40 -29.08 -34.70
CA ASP A 388 1.01 -29.38 -34.37
C ASP A 388 0.90 -29.92 -32.95
N GLY A 389 -0.07 -29.38 -32.20
CA GLY A 389 -0.39 -29.84 -30.86
C GLY A 389 0.52 -29.34 -29.77
N ILE A 390 1.42 -28.39 -30.06
CA ILE A 390 2.40 -27.97 -29.07
C ILE A 390 1.74 -27.38 -27.84
N PHE A 391 0.55 -26.80 -27.99
CA PHE A 391 -0.11 -26.10 -26.91
C PHE A 391 -1.33 -26.83 -26.36
N ASP A 392 -1.66 -28.01 -26.89
CA ASP A 392 -2.92 -28.65 -26.54
C ASP A 392 -2.97 -29.11 -25.09
N ARG A 393 -1.84 -29.38 -24.46
CA ARG A 393 -1.85 -29.87 -23.09
C ARG A 393 -1.74 -28.77 -22.05
N LEU A 394 -1.54 -27.52 -22.45
CA LEU A 394 -1.51 -26.41 -21.50
C LEU A 394 -2.95 -26.02 -21.16
N THR A 395 -3.61 -26.89 -20.39
CA THR A 395 -5.05 -26.72 -20.17
C THR A 395 -5.38 -25.61 -19.17
N SER A 396 -4.40 -25.12 -18.41
CA SER A 396 -4.64 -24.03 -17.48
C SER A 396 -4.28 -22.67 -18.07
N LEU A 397 -3.76 -22.65 -19.30
CA LEU A 397 -3.21 -21.45 -19.91
C LEU A 397 -4.23 -20.32 -19.94
N GLN A 398 -3.78 -19.12 -19.59
CA GLN A 398 -4.65 -17.95 -19.60
C GLN A 398 -4.17 -16.84 -20.51
N LYS A 399 -2.86 -16.66 -20.67
CA LYS A 399 -2.32 -15.58 -21.48
C LYS A 399 -1.15 -16.12 -22.28
N ILE A 400 -1.09 -15.77 -23.56
CA ILE A 400 0.04 -16.15 -24.40
C ILE A 400 0.38 -14.97 -25.32
N TRP A 401 1.67 -14.75 -25.51
CA TRP A 401 2.18 -13.72 -26.42
C TRP A 401 2.89 -14.40 -27.58
N LEU A 402 2.44 -14.12 -28.80
CA LEU A 402 3.08 -14.72 -29.97
C LEU A 402 3.38 -13.70 -31.06
N HIS A 403 3.08 -12.43 -30.83
CA HIS A 403 3.25 -11.39 -31.83
C HIS A 403 4.73 -11.07 -32.06
N THR A 404 4.97 -10.23 -33.06
CA THR A 404 6.30 -9.83 -33.51
C THR A 404 7.18 -11.05 -33.81
N ASN A 405 6.62 -11.99 -34.55
CA ASN A 405 7.37 -13.10 -35.11
C ASN A 405 7.08 -13.21 -36.60
N PRO A 406 8.08 -13.61 -37.40
CA PRO A 406 7.86 -13.73 -38.85
C PRO A 406 7.12 -15.03 -39.21
N TRP A 407 5.88 -15.15 -38.73
CA TRP A 407 5.12 -16.38 -38.88
C TRP A 407 4.88 -16.72 -40.35
N ASP A 408 5.17 -17.98 -40.71
CA ASP A 408 4.89 -18.49 -42.04
C ASP A 408 3.45 -19.03 -42.01
N CYS A 409 2.53 -18.30 -42.64
CA CYS A 409 1.10 -18.59 -42.60
C CYS A 409 0.64 -19.42 -43.80
N SER A 410 1.55 -20.15 -44.43
CA SER A 410 1.14 -21.05 -45.49
C SER A 410 0.39 -22.25 -44.91
N CYS A 411 -0.54 -22.77 -45.70
CA CYS A 411 -1.41 -23.91 -45.45
C CYS A 411 -0.86 -25.13 -46.18
N PRO A 412 -0.96 -26.33 -45.58
CA PRO A 412 -1.63 -26.53 -44.29
C PRO A 412 -0.68 -26.44 -43.11
N ARG A 413 0.50 -25.83 -43.30
CA ARG A 413 1.47 -25.75 -42.22
C ARG A 413 0.91 -24.96 -41.04
N ILE A 414 0.15 -23.90 -41.33
CA ILE A 414 -0.33 -22.98 -40.31
C ILE A 414 -1.70 -23.43 -39.80
N ASP A 415 -2.15 -24.60 -40.25
CA ASP A 415 -3.52 -25.02 -39.97
C ASP A 415 -3.77 -25.16 -38.48
N TYR A 416 -2.87 -25.86 -37.78
CA TYR A 416 -3.03 -26.03 -36.34
C TYR A 416 -3.02 -24.70 -35.62
N LEU A 417 -2.01 -23.87 -35.88
CA LEU A 417 -1.84 -22.64 -35.11
C LEU A 417 -2.99 -21.66 -35.38
N SER A 418 -3.38 -21.51 -36.64
CA SER A 418 -4.48 -20.62 -36.97
C SER A 418 -5.79 -21.07 -36.32
N ARG A 419 -6.10 -22.36 -36.41
CA ARG A 419 -7.31 -22.90 -35.76
C ARG A 419 -7.22 -22.78 -34.25
N TRP A 420 -6.07 -23.14 -33.66
CA TRP A 420 -5.91 -23.09 -32.21
C TRP A 420 -6.08 -21.68 -31.67
N LEU A 421 -5.48 -20.69 -32.33
CA LEU A 421 -5.60 -19.31 -31.87
C LEU A 421 -7.03 -18.77 -31.97
N ASN A 422 -7.82 -19.24 -32.94
CA ASN A 422 -9.20 -18.79 -33.06
C ASN A 422 -10.09 -19.35 -31.96
N LYS A 423 -10.03 -20.66 -31.73
CA LYS A 423 -10.84 -21.27 -30.68
C LYS A 423 -10.49 -20.68 -29.31
N ASN A 424 -9.22 -20.31 -29.10
CA ASN A 424 -8.73 -19.77 -27.84
C ASN A 424 -8.45 -18.26 -27.95
N SER A 425 -9.26 -17.55 -28.74
CA SER A 425 -9.01 -16.13 -29.04
C SER A 425 -9.00 -15.22 -27.81
N GLN A 426 -9.68 -15.60 -26.73
CA GLN A 426 -9.72 -14.73 -25.56
C GLN A 426 -8.40 -14.73 -24.78
N LYS A 427 -7.52 -15.70 -25.05
CA LYS A 427 -6.25 -15.79 -24.33
C LYS A 427 -5.09 -15.06 -25.00
N GLU A 428 -5.11 -14.86 -26.32
CA GLU A 428 -3.97 -14.26 -27.01
C GLU A 428 -3.79 -12.78 -26.69
N GLN A 429 -2.63 -12.47 -26.11
CA GLN A 429 -2.16 -11.12 -25.82
C GLN A 429 -1.28 -10.54 -26.93
N GLY A 430 -1.64 -9.36 -27.44
CA GLY A 430 -0.98 -8.69 -28.56
C GLY A 430 -1.23 -9.14 -29.99
N SER A 431 -2.03 -10.18 -30.23
CA SER A 431 -2.22 -10.76 -31.56
C SER A 431 -1.01 -11.04 -32.47
N ALA A 432 -0.76 -12.32 -32.71
CA ALA A 432 0.25 -12.80 -33.65
C ALA A 432 -0.17 -12.54 -35.10
N LYS A 433 0.76 -12.03 -35.92
CA LYS A 433 0.45 -11.62 -37.29
C LYS A 433 1.32 -12.36 -38.31
N CYS A 434 0.69 -12.70 -39.44
CA CYS A 434 1.39 -13.25 -40.60
C CYS A 434 2.36 -12.24 -41.18
N SER A 435 3.57 -12.69 -41.48
CA SER A 435 4.51 -11.84 -42.20
C SER A 435 4.04 -11.68 -43.64
N GLY A 436 4.07 -10.44 -44.13
CA GLY A 436 3.63 -10.14 -45.48
C GLY A 436 2.25 -9.52 -45.54
N SER A 437 1.21 -10.34 -45.35
CA SER A 437 -0.16 -9.84 -45.41
C SER A 437 -0.51 -9.06 -44.14
N GLY A 438 -0.02 -9.49 -42.98
CA GLY A 438 -0.30 -8.80 -41.75
C GLY A 438 -1.63 -9.14 -41.10
N LYS A 439 -2.35 -10.15 -41.58
CA LYS A 439 -3.62 -10.49 -40.96
C LYS A 439 -3.41 -11.37 -39.72
N PRO A 440 -4.32 -11.26 -38.74
CA PRO A 440 -4.21 -12.11 -37.55
C PRO A 440 -4.20 -13.59 -37.89
N VAL A 441 -3.25 -14.31 -37.28
CA VAL A 441 -3.15 -15.76 -37.48
C VAL A 441 -4.45 -16.44 -37.06
N ARG A 442 -5.12 -15.90 -36.04
CA ARG A 442 -6.37 -16.49 -35.57
C ARG A 442 -7.46 -16.51 -36.63
N SER A 443 -7.31 -15.72 -37.70
CA SER A 443 -8.37 -15.60 -38.70
C SER A 443 -8.16 -16.51 -39.91
N ILE A 444 -6.97 -17.11 -40.07
CA ILE A 444 -6.70 -17.97 -41.20
C ILE A 444 -7.42 -19.30 -41.06
N ILE A 445 -8.20 -19.67 -42.07
CA ILE A 445 -8.85 -20.98 -42.11
C ILE A 445 -8.30 -21.72 -43.34
N CYS A 446 -7.50 -22.76 -43.10
CA CYS A 446 -6.93 -23.52 -44.21
C CYS A 446 -8.00 -24.40 -44.86
N PRO A 447 -8.02 -24.47 -46.20
CA PRO A 447 -8.99 -25.27 -46.96
C PRO A 447 -8.95 -26.75 -46.59
N GLU B 7 -26.96 -37.02 0.99
CA GLU B 7 -26.45 -36.41 2.20
C GLU B 7 -27.09 -35.05 2.47
N CYS B 8 -27.72 -34.47 1.45
CA CYS B 8 -28.44 -33.22 1.64
C CYS B 8 -29.71 -33.45 2.49
N SER B 9 -30.11 -32.42 3.23
CA SER B 9 -31.38 -32.47 3.95
C SER B 9 -32.47 -31.82 3.11
N VAL B 10 -33.42 -32.61 2.64
CA VAL B 10 -34.54 -32.11 1.83
C VAL B 10 -35.79 -32.01 2.69
N ILE B 11 -36.35 -30.81 2.80
CA ILE B 11 -37.57 -30.57 3.58
C ILE B 11 -38.52 -29.78 2.69
N GLY B 12 -39.52 -30.44 2.12
CA GLY B 12 -40.41 -29.81 1.17
C GLY B 12 -39.65 -29.37 -0.07
N TYR B 13 -39.74 -28.08 -0.41
CA TYR B 13 -39.04 -27.55 -1.57
C TYR B 13 -37.65 -27.02 -1.24
N ASN B 14 -37.19 -27.18 -0.01
CA ASN B 14 -35.88 -26.70 0.41
C ASN B 14 -34.89 -27.86 0.46
N ALA B 15 -33.72 -27.67 -0.15
CA ALA B 15 -32.64 -28.64 -0.07
C ALA B 15 -31.45 -27.94 0.56
N ILE B 16 -31.05 -28.41 1.74
CA ILE B 16 -29.93 -27.83 2.46
C ILE B 16 -28.72 -28.76 2.31
N CYS B 17 -27.69 -28.28 1.62
CA CYS B 17 -26.50 -29.06 1.33
C CYS B 17 -25.24 -28.36 1.83
N ILE B 18 -25.38 -27.56 2.88
CA ILE B 18 -24.24 -26.83 3.42
C ILE B 18 -23.21 -27.78 4.00
N ASN B 19 -21.96 -27.61 3.56
CA ASN B 19 -20.79 -28.30 4.11
C ASN B 19 -20.97 -29.82 4.13
N ARG B 20 -21.08 -30.38 2.92
CA ARG B 20 -21.27 -31.81 2.72
C ARG B 20 -20.10 -32.44 1.99
N GLY B 21 -19.03 -31.66 1.75
CA GLY B 21 -17.85 -32.14 1.04
C GLY B 21 -18.09 -32.42 -0.42
N LEU B 22 -19.08 -31.75 -1.01
CA LEU B 22 -19.47 -31.97 -2.40
C LEU B 22 -18.48 -31.33 -3.37
N HIS B 23 -18.24 -32.01 -4.49
CA HIS B 23 -17.35 -31.53 -5.53
C HIS B 23 -18.12 -31.19 -6.79
N GLN B 24 -19.43 -31.41 -6.79
CA GLN B 24 -20.32 -31.07 -7.89
C GLN B 24 -21.72 -30.99 -7.31
N VAL B 25 -22.60 -30.35 -8.05
CA VAL B 25 -24.00 -30.26 -7.63
C VAL B 25 -24.62 -31.65 -7.58
N PRO B 26 -25.13 -32.07 -6.43
CA PRO B 26 -25.70 -33.41 -6.30
C PRO B 26 -27.07 -33.51 -6.97
N GLU B 27 -27.50 -34.77 -7.14
CA GLU B 27 -28.83 -35.06 -7.67
C GLU B 27 -29.89 -34.71 -6.63
N LEU B 28 -30.88 -33.93 -7.05
CA LEU B 28 -31.97 -33.50 -6.18
C LEU B 28 -33.31 -33.67 -6.88
N PRO B 29 -34.40 -33.81 -6.11
CA PRO B 29 -35.73 -33.85 -6.70
C PRO B 29 -36.01 -32.64 -7.58
N ALA B 30 -36.60 -32.89 -8.75
CA ALA B 30 -36.68 -31.86 -9.79
C ALA B 30 -37.65 -30.74 -9.46
N HIS B 31 -38.42 -30.84 -8.37
CA HIS B 31 -39.42 -29.84 -8.05
C HIS B 31 -38.97 -28.83 -7.00
N VAL B 32 -37.80 -29.03 -6.40
CA VAL B 32 -37.33 -28.14 -5.33
C VAL B 32 -37.03 -26.76 -5.89
N ASN B 33 -37.35 -25.72 -5.12
CA ASN B 33 -37.12 -24.36 -5.55
C ASN B 33 -36.15 -23.56 -4.69
N TYR B 34 -35.69 -24.11 -3.56
CA TYR B 34 -34.64 -23.48 -2.76
C TYR B 34 -33.51 -24.48 -2.56
N VAL B 35 -32.29 -24.11 -2.97
CA VAL B 35 -31.12 -24.97 -2.82
C VAL B 35 -29.98 -24.16 -2.26
N ASP B 36 -29.38 -24.64 -1.16
CA ASP B 36 -28.22 -24.05 -0.52
C ASP B 36 -27.01 -24.97 -0.62
N LEU B 37 -26.01 -24.58 -1.41
CA LEU B 37 -24.79 -25.37 -1.61
C LEU B 37 -23.57 -24.73 -0.95
N SER B 38 -23.78 -23.85 0.02
CA SER B 38 -22.67 -23.12 0.65
C SER B 38 -21.68 -24.04 1.36
N LEU B 39 -20.45 -23.53 1.48
CA LEU B 39 -19.34 -24.19 2.19
C LEU B 39 -19.02 -25.58 1.66
N ASN B 40 -18.91 -25.71 0.34
CA ASN B 40 -18.47 -26.95 -0.26
C ASN B 40 -17.20 -26.71 -1.08
N SER B 41 -16.82 -27.73 -1.84
CA SER B 41 -15.60 -27.74 -2.62
C SER B 41 -15.89 -27.84 -4.11
N ILE B 42 -16.96 -27.18 -4.55
CA ILE B 42 -17.29 -27.18 -5.97
C ILE B 42 -16.30 -26.29 -6.70
N ALA B 43 -15.55 -26.87 -7.64
CA ALA B 43 -14.50 -26.15 -8.33
C ALA B 43 -14.97 -25.46 -9.59
N GLU B 44 -16.05 -25.94 -10.20
CA GLU B 44 -16.54 -25.43 -11.47
C GLU B 44 -18.03 -25.68 -11.57
N LEU B 45 -18.76 -24.68 -12.04
CA LEU B 45 -20.17 -24.82 -12.38
C LEU B 45 -20.26 -24.73 -13.90
N ASN B 46 -21.01 -25.64 -14.51
CA ASN B 46 -21.23 -25.63 -15.94
C ASN B 46 -22.70 -25.91 -16.20
N GLU B 47 -23.06 -26.09 -17.48
CA GLU B 47 -24.46 -26.24 -17.85
C GLU B 47 -25.08 -27.48 -17.22
N THR B 48 -24.27 -28.50 -16.91
CA THR B 48 -24.81 -29.72 -16.34
C THR B 48 -25.06 -29.64 -14.84
N SER B 49 -24.54 -28.61 -14.17
CA SER B 49 -24.67 -28.52 -12.72
C SER B 49 -26.13 -28.44 -12.26
N PHE B 50 -26.95 -27.64 -12.94
CA PHE B 50 -28.35 -27.39 -12.59
C PHE B 50 -29.30 -27.83 -13.70
N SER B 51 -28.95 -28.91 -14.40
CA SER B 51 -29.79 -29.42 -15.47
C SER B 51 -31.17 -29.88 -15.01
N ARG B 52 -31.28 -30.48 -13.83
CA ARG B 52 -32.58 -30.99 -13.42
C ARG B 52 -33.38 -30.10 -12.46
N LEU B 53 -32.84 -28.96 -12.06
CA LEU B 53 -33.50 -28.07 -11.10
C LEU B 53 -34.15 -26.88 -11.80
N GLN B 54 -35.02 -27.10 -12.79
CA GLN B 54 -35.54 -25.96 -13.54
C GLN B 54 -36.58 -25.15 -12.80
N ASP B 55 -37.02 -25.57 -11.61
CA ASP B 55 -38.02 -24.84 -10.85
C ASP B 55 -37.35 -23.95 -9.80
N LEU B 56 -36.03 -23.84 -9.87
CA LEU B 56 -35.22 -23.12 -8.89
C LEU B 56 -35.56 -21.64 -8.82
N GLN B 57 -35.78 -21.15 -7.60
CA GLN B 57 -36.01 -19.73 -7.34
C GLN B 57 -34.90 -19.06 -6.53
N PHE B 58 -34.24 -19.81 -5.66
CA PHE B 58 -33.25 -19.27 -4.73
C PHE B 58 -32.08 -20.24 -4.63
N LEU B 59 -30.89 -19.79 -5.05
CA LEU B 59 -29.72 -20.64 -5.09
C LEU B 59 -28.57 -19.92 -4.40
N LYS B 60 -27.93 -20.61 -3.44
CA LYS B 60 -26.75 -20.13 -2.74
C LYS B 60 -25.58 -21.07 -2.98
N VAL B 61 -24.47 -20.51 -3.45
CA VAL B 61 -23.22 -21.25 -3.53
C VAL B 61 -22.11 -20.42 -2.91
N GLU B 62 -22.29 -20.02 -1.65
CA GLU B 62 -21.31 -19.16 -0.98
C GLU B 62 -20.09 -19.95 -0.52
N GLN B 63 -18.96 -19.24 -0.42
CA GLN B 63 -17.77 -19.67 0.32
C GLN B 63 -17.33 -21.08 -0.05
N GLN B 64 -17.19 -21.33 -1.36
CA GLN B 64 -16.54 -22.54 -1.82
C GLN B 64 -15.02 -22.42 -1.58
N THR B 65 -14.29 -23.51 -1.78
CA THR B 65 -12.84 -23.39 -1.76
C THR B 65 -12.39 -22.35 -2.79
N PRO B 66 -11.26 -21.66 -2.55
CA PRO B 66 -10.86 -20.56 -3.44
C PRO B 66 -10.84 -20.98 -4.90
N GLY B 67 -11.29 -20.07 -5.76
CA GLY B 67 -11.11 -20.21 -7.19
C GLY B 67 -12.29 -20.78 -7.96
N LEU B 68 -13.49 -20.73 -7.41
CA LEU B 68 -14.68 -21.22 -8.11
C LEU B 68 -14.78 -20.59 -9.49
N VAL B 69 -14.99 -21.43 -10.49
CA VAL B 69 -15.16 -21.01 -11.88
C VAL B 69 -16.61 -21.22 -12.26
N ILE B 70 -17.25 -20.19 -12.81
CA ILE B 70 -18.61 -20.27 -13.30
C ILE B 70 -18.54 -20.17 -14.82
N ARG B 71 -18.81 -21.28 -15.50
CA ARG B 71 -18.70 -21.36 -16.95
C ARG B 71 -19.92 -20.75 -17.66
N ASN B 72 -19.71 -20.45 -18.94
CA ASN B 72 -20.76 -19.96 -19.83
C ASN B 72 -22.00 -20.86 -19.73
N ASN B 73 -23.18 -20.22 -19.67
CA ASN B 73 -24.48 -20.90 -19.75
C ASN B 73 -24.76 -21.81 -18.56
N THR B 74 -24.04 -21.63 -17.45
CA THR B 74 -24.34 -22.34 -16.21
C THR B 74 -25.81 -22.24 -15.80
N PHE B 75 -26.42 -21.07 -15.97
CA PHE B 75 -27.78 -20.88 -15.48
C PHE B 75 -28.82 -20.78 -16.58
N ARG B 76 -28.46 -21.13 -17.82
CA ARG B 76 -29.45 -21.12 -18.90
C ARG B 76 -30.54 -22.15 -18.63
N GLY B 77 -31.80 -21.70 -18.64
CA GLY B 77 -32.92 -22.57 -18.35
C GLY B 77 -33.56 -22.32 -17.01
N LEU B 78 -32.86 -21.69 -16.08
CA LEU B 78 -33.39 -21.38 -14.76
C LEU B 78 -34.25 -20.11 -14.83
N SER B 79 -35.33 -20.20 -15.61
CA SER B 79 -36.17 -19.03 -15.84
C SER B 79 -36.96 -18.61 -14.62
N SER B 80 -36.96 -19.40 -13.55
CA SER B 80 -37.65 -19.06 -12.31
C SER B 80 -36.70 -18.50 -11.25
N LEU B 81 -35.40 -18.44 -11.54
CA LEU B 81 -34.40 -18.01 -10.55
C LEU B 81 -34.54 -16.53 -10.25
N ILE B 82 -34.76 -16.17 -8.99
CA ILE B 82 -34.99 -14.79 -8.59
C ILE B 82 -33.82 -14.22 -7.81
N ILE B 83 -33.19 -15.03 -6.97
CA ILE B 83 -32.06 -14.62 -6.13
C ILE B 83 -30.91 -15.59 -6.34
N LEU B 84 -29.73 -15.04 -6.61
CA LEU B 84 -28.53 -15.84 -6.84
C LEU B 84 -27.45 -15.25 -5.94
N LYS B 85 -27.00 -16.02 -4.95
CA LYS B 85 -25.98 -15.59 -3.99
C LYS B 85 -24.69 -16.41 -4.14
N LEU B 86 -23.57 -15.70 -4.37
CA LEU B 86 -22.28 -16.31 -4.65
C LEU B 86 -21.14 -15.69 -3.81
N ASP B 87 -21.45 -15.14 -2.62
CA ASP B 87 -20.47 -14.40 -1.81
C ASP B 87 -19.33 -15.27 -1.31
N TYR B 88 -18.19 -14.61 -0.97
CA TYR B 88 -17.03 -15.27 -0.34
C TYR B 88 -16.40 -16.37 -1.17
N ASN B 89 -16.53 -16.28 -2.49
CA ASN B 89 -15.77 -17.14 -3.40
C ASN B 89 -14.51 -16.40 -3.84
N GLN B 90 -13.40 -16.61 -3.12
CA GLN B 90 -12.15 -15.90 -3.41
C GLN B 90 -11.63 -16.20 -4.82
N PHE B 91 -11.24 -15.14 -5.54
CA PHE B 91 -10.75 -15.28 -6.92
C PHE B 91 -11.80 -15.94 -7.82
N LEU B 92 -13.05 -15.55 -7.63
CA LEU B 92 -14.15 -16.02 -8.46
C LEU B 92 -13.87 -15.73 -9.92
N GLN B 93 -13.99 -16.76 -10.76
CA GLN B 93 -13.73 -16.64 -12.19
C GLN B 93 -15.04 -16.78 -12.94
N LEU B 94 -15.44 -15.68 -13.59
CA LEU B 94 -16.68 -15.65 -14.35
C LEU B 94 -16.28 -15.56 -15.82
N GLU B 95 -16.72 -16.54 -16.59
CA GLU B 95 -16.69 -16.46 -18.04
C GLU B 95 -17.73 -15.45 -18.49
N THR B 96 -17.53 -14.89 -19.69
CA THR B 96 -18.33 -13.72 -20.07
C THR B 96 -19.80 -14.08 -20.29
N GLY B 97 -20.13 -15.35 -20.53
CA GLY B 97 -21.51 -15.75 -20.62
C GLY B 97 -21.97 -16.46 -19.35
N ALA B 98 -21.30 -16.20 -18.22
CA ALA B 98 -21.63 -16.91 -16.98
C ALA B 98 -23.08 -16.76 -16.55
N PHE B 99 -23.70 -15.61 -16.82
CA PHE B 99 -25.06 -15.36 -16.37
C PHE B 99 -26.07 -15.39 -17.51
N ASN B 100 -25.71 -16.00 -18.65
CA ASN B 100 -26.64 -16.21 -19.74
C ASN B 100 -27.91 -16.92 -19.26
N GLY B 101 -29.06 -16.51 -19.81
CA GLY B 101 -30.34 -17.10 -19.55
C GLY B 101 -31.10 -16.58 -18.34
N LEU B 102 -30.51 -15.68 -17.56
CA LEU B 102 -31.12 -15.15 -16.34
C LEU B 102 -31.82 -13.82 -16.58
N ALA B 103 -32.63 -13.74 -17.63
CA ALA B 103 -33.29 -12.49 -17.98
C ALA B 103 -34.29 -12.05 -16.91
N ASN B 104 -34.73 -12.97 -16.06
CA ASN B 104 -35.70 -12.65 -15.02
C ASN B 104 -35.08 -12.49 -13.64
N LEU B 105 -33.78 -12.71 -13.51
CA LEU B 105 -33.13 -12.54 -12.21
C LEU B 105 -33.28 -11.11 -11.70
N GLU B 106 -33.55 -10.98 -10.40
CA GLU B 106 -33.70 -9.68 -9.76
C GLU B 106 -32.64 -9.38 -8.71
N VAL B 107 -32.07 -10.39 -8.05
CA VAL B 107 -31.11 -10.16 -6.99
C VAL B 107 -29.88 -11.03 -7.27
N LEU B 108 -28.73 -10.37 -7.31
CA LEU B 108 -27.42 -10.99 -7.46
C LEU B 108 -26.50 -10.45 -6.40
N THR B 109 -25.89 -11.34 -5.63
CA THR B 109 -24.95 -10.92 -4.61
C THR B 109 -23.60 -11.58 -4.87
N LEU B 110 -22.56 -10.76 -4.92
CA LEU B 110 -21.20 -11.12 -5.28
C LEU B 110 -20.24 -10.51 -4.28
N THR B 111 -20.56 -10.64 -3.00
CA THR B 111 -19.76 -10.03 -1.94
C THR B 111 -18.47 -10.81 -1.74
N GLN B 112 -17.36 -10.07 -1.63
CA GLN B 112 -16.06 -10.62 -1.25
C GLN B 112 -15.60 -11.72 -2.22
N CYS B 113 -15.52 -11.35 -3.51
CA CYS B 113 -15.16 -12.28 -4.57
C CYS B 113 -13.92 -11.79 -5.30
N ASN B 114 -13.20 -10.83 -4.72
CA ASN B 114 -12.00 -10.22 -5.30
C ASN B 114 -12.24 -9.62 -6.68
N LEU B 115 -13.45 -9.14 -6.92
CA LEU B 115 -13.76 -8.55 -8.22
C LEU B 115 -13.26 -7.12 -8.26
N ASP B 116 -12.97 -6.65 -9.46
CA ASP B 116 -12.57 -5.25 -9.64
C ASP B 116 -13.58 -4.53 -10.55
N GLY B 117 -13.27 -3.28 -10.87
CA GLY B 117 -14.18 -2.42 -11.63
C GLY B 117 -14.62 -2.95 -12.97
N ALA B 118 -13.86 -3.86 -13.57
CA ALA B 118 -14.24 -4.39 -14.87
C ALA B 118 -15.52 -5.20 -14.79
N VAL B 119 -15.93 -5.59 -13.58
CA VAL B 119 -17.17 -6.33 -13.40
C VAL B 119 -18.38 -5.46 -13.68
N LEU B 120 -18.22 -4.14 -13.63
CA LEU B 120 -19.29 -3.20 -13.92
C LEU B 120 -19.20 -2.66 -15.33
N SER B 121 -17.99 -2.55 -15.89
CA SER B 121 -17.81 -1.99 -17.21
C SER B 121 -17.85 -3.05 -18.29
N GLY B 122 -17.59 -4.32 -17.94
CA GLY B 122 -17.68 -5.40 -18.89
C GLY B 122 -19.09 -5.91 -19.08
N ASN B 123 -19.21 -6.98 -19.85
CA ASN B 123 -20.53 -7.49 -20.23
C ASN B 123 -21.06 -8.58 -19.31
N PHE B 124 -20.44 -8.80 -18.14
CA PHE B 124 -20.90 -9.84 -17.22
C PHE B 124 -22.39 -9.72 -16.89
N PHE B 125 -22.85 -8.49 -16.61
CA PHE B 125 -24.22 -8.27 -16.16
C PHE B 125 -25.17 -7.85 -17.27
N LYS B 126 -24.71 -7.81 -18.52
CA LYS B 126 -25.57 -7.43 -19.62
C LYS B 126 -26.84 -8.26 -19.80
N PRO B 127 -26.85 -9.58 -19.56
CA PRO B 127 -28.11 -10.34 -19.71
C PRO B 127 -29.15 -10.11 -18.61
N LEU B 128 -28.79 -9.47 -17.51
CA LEU B 128 -29.66 -9.38 -16.33
C LEU B 128 -30.60 -8.18 -16.47
N THR B 129 -31.49 -8.27 -17.46
CA THR B 129 -32.33 -7.12 -17.79
C THR B 129 -33.38 -6.82 -16.73
N SER B 130 -33.76 -7.79 -15.90
CA SER B 130 -34.73 -7.54 -14.84
C SER B 130 -34.08 -7.28 -13.50
N LEU B 131 -32.75 -7.26 -13.46
CA LEU B 131 -32.02 -7.13 -12.20
C LEU B 131 -32.46 -5.89 -11.45
N GLU B 132 -32.69 -6.05 -10.15
CA GLU B 132 -33.16 -5.00 -9.25
C GLU B 132 -32.17 -4.67 -8.16
N MET B 133 -31.45 -5.65 -7.64
CA MET B 133 -30.58 -5.49 -6.47
C MET B 133 -29.25 -6.16 -6.79
N LEU B 134 -28.17 -5.39 -6.66
CA LEU B 134 -26.82 -5.90 -6.96
C LEU B 134 -25.94 -5.61 -5.76
N VAL B 135 -25.39 -6.65 -5.15
CA VAL B 135 -24.54 -6.54 -3.96
C VAL B 135 -23.12 -6.90 -4.34
N LEU B 136 -22.23 -5.93 -4.23
CA LEU B 136 -20.83 -6.08 -4.61
C LEU B 136 -19.94 -5.69 -3.44
N ARG B 137 -20.39 -6.02 -2.24
CA ARG B 137 -19.69 -5.62 -1.03
C ARG B 137 -18.31 -6.24 -1.01
N ASP B 138 -17.36 -5.47 -0.45
CA ASP B 138 -16.05 -5.97 -0.06
C ASP B 138 -15.25 -6.55 -1.24
N ASN B 139 -15.23 -5.81 -2.36
CA ASN B 139 -14.34 -6.21 -3.45
C ASN B 139 -13.21 -5.18 -3.62
N ASN B 140 -12.58 -5.18 -4.79
CA ASN B 140 -11.48 -4.28 -5.09
C ASN B 140 -11.82 -3.26 -6.17
N ILE B 141 -13.05 -2.74 -6.10
CA ILE B 141 -13.55 -1.81 -7.10
C ILE B 141 -13.08 -0.40 -6.74
N LYS B 142 -12.23 0.17 -7.60
CA LYS B 142 -11.61 1.47 -7.34
C LYS B 142 -12.31 2.59 -8.11
N LYS B 143 -13.07 2.26 -9.14
CA LYS B 143 -13.85 3.21 -9.91
C LYS B 143 -15.16 2.55 -10.31
N ILE B 144 -16.23 3.32 -10.21
CA ILE B 144 -17.58 2.84 -10.47
C ILE B 144 -17.95 3.34 -11.85
N GLN B 145 -17.92 2.46 -12.86
CA GLN B 145 -18.10 2.87 -14.26
C GLN B 145 -19.04 1.92 -14.96
N PRO B 146 -20.34 2.00 -14.65
CA PRO B 146 -21.31 1.09 -15.25
C PRO B 146 -21.35 1.25 -16.75
N ALA B 147 -21.36 0.11 -17.45
CA ALA B 147 -21.44 0.13 -18.90
C ALA B 147 -22.82 0.66 -19.32
N SER B 148 -22.93 0.96 -20.62
CA SER B 148 -24.13 1.65 -21.07
C SER B 148 -25.41 0.81 -20.96
N PHE B 149 -25.30 -0.52 -20.97
CA PHE B 149 -26.50 -1.36 -20.89
C PHE B 149 -27.23 -1.20 -19.57
N PHE B 150 -26.60 -0.61 -18.56
CA PHE B 150 -27.30 -0.37 -17.32
C PHE B 150 -28.46 0.59 -17.52
N LEU B 151 -28.43 1.40 -18.58
CA LEU B 151 -29.54 2.29 -18.88
C LEU B 151 -30.84 1.52 -19.11
N ASN B 152 -30.76 0.27 -19.60
CA ASN B 152 -31.94 -0.51 -19.92
C ASN B 152 -32.28 -1.50 -18.82
N MET B 153 -31.50 -1.53 -17.75
CA MET B 153 -31.93 -2.36 -16.63
C MET B 153 -32.92 -1.44 -15.92
N ARG B 154 -34.16 -1.49 -16.39
CA ARG B 154 -35.22 -0.54 -16.05
C ARG B 154 -35.74 -0.70 -14.63
N ARG B 155 -35.40 -1.80 -13.97
CA ARG B 155 -35.90 -2.09 -12.63
C ARG B 155 -34.78 -2.20 -11.62
N PHE B 156 -33.58 -1.75 -11.97
CA PHE B 156 -32.40 -1.71 -11.11
C PHE B 156 -32.52 -0.59 -10.09
N HIS B 157 -32.60 -0.93 -8.80
CA HIS B 157 -32.88 0.08 -7.79
C HIS B 157 -32.10 -0.10 -6.49
N VAL B 158 -31.24 -1.10 -6.37
CA VAL B 158 -30.43 -1.27 -5.15
C VAL B 158 -29.02 -1.64 -5.55
N LEU B 159 -28.05 -0.84 -5.11
CA LEU B 159 -26.64 -1.09 -5.42
C LEU B 159 -25.88 -0.90 -4.12
N ASP B 160 -25.10 -1.91 -3.75
CA ASP B 160 -24.31 -1.90 -2.51
C ASP B 160 -22.84 -2.09 -2.84
N LEU B 161 -22.03 -1.06 -2.60
CA LEU B 161 -20.60 -1.12 -2.89
C LEU B 161 -19.77 -0.96 -1.62
N THR B 162 -20.40 -1.16 -0.46
CA THR B 162 -19.72 -1.03 0.83
C THR B 162 -18.43 -1.83 0.85
N PHE B 163 -17.36 -1.23 1.41
CA PHE B 163 -16.05 -1.88 1.59
C PHE B 163 -15.31 -2.09 0.28
N ASN B 164 -15.67 -1.36 -0.77
CA ASN B 164 -14.86 -1.27 -1.98
C ASN B 164 -13.95 -0.06 -1.85
N LYS B 165 -12.69 -0.24 -2.26
CA LYS B 165 -11.73 0.86 -2.18
C LYS B 165 -11.92 1.87 -3.30
N VAL B 166 -12.99 2.67 -3.19
CA VAL B 166 -13.27 3.66 -4.24
C VAL B 166 -12.40 4.90 -4.10
N LYS B 167 -11.68 5.23 -5.16
CA LYS B 167 -10.83 6.43 -5.14
C LYS B 167 -11.69 7.69 -5.05
N SER B 168 -12.72 7.78 -5.89
CA SER B 168 -13.62 8.93 -6.02
C SER B 168 -14.83 8.54 -6.89
N ILE B 169 -15.88 9.36 -6.80
CA ILE B 169 -17.10 9.24 -7.63
C ILE B 169 -17.32 10.56 -8.34
N CYS B 170 -17.45 10.52 -9.66
CA CYS B 170 -17.61 11.75 -10.42
C CYS B 170 -18.72 11.56 -11.45
N GLU B 171 -19.13 12.68 -12.07
CA GLU B 171 -20.25 12.66 -13.00
C GLU B 171 -20.04 11.66 -14.13
N GLU B 172 -18.88 11.68 -14.76
CA GLU B 172 -18.65 10.79 -15.90
C GLU B 172 -18.57 9.32 -15.48
N ASP B 173 -18.18 9.04 -14.24
CA ASP B 173 -18.15 7.66 -13.78
C ASP B 173 -19.53 7.06 -13.80
N LEU B 174 -20.51 7.81 -13.31
CA LEU B 174 -21.85 7.33 -13.05
C LEU B 174 -22.79 7.71 -14.18
N LEU B 175 -22.23 8.13 -15.31
CA LEU B 175 -23.02 8.56 -16.47
C LEU B 175 -24.16 7.59 -16.75
N ASN B 176 -23.88 6.29 -16.69
CA ASN B 176 -24.86 5.29 -17.09
C ASN B 176 -25.82 4.91 -15.96
N PHE B 177 -25.72 5.56 -14.81
CA PHE B 177 -26.76 5.48 -13.78
C PHE B 177 -27.75 6.64 -13.85
N GLN B 178 -27.47 7.64 -14.70
CA GLN B 178 -28.34 8.80 -14.82
C GLN B 178 -29.76 8.44 -15.27
N GLY B 179 -30.75 9.10 -14.66
CA GLY B 179 -32.14 8.88 -14.98
C GLY B 179 -32.80 7.89 -14.05
N LYS B 180 -32.00 7.17 -13.27
CA LYS B 180 -32.43 6.11 -12.37
C LYS B 180 -32.90 6.70 -11.05
N HIS B 181 -33.83 5.99 -10.42
CA HIS B 181 -34.16 6.25 -9.02
C HIS B 181 -33.72 5.04 -8.21
N PHE B 182 -32.70 5.22 -7.37
CA PHE B 182 -32.26 4.14 -6.49
C PHE B 182 -33.07 4.19 -5.19
N THR B 183 -33.55 3.03 -4.74
CA THR B 183 -34.17 2.99 -3.41
C THR B 183 -33.09 2.92 -2.33
N LEU B 184 -31.97 2.28 -2.62
CA LEU B 184 -30.85 2.21 -1.70
C LEU B 184 -29.56 2.27 -2.51
N LEU B 185 -28.74 3.28 -2.26
CA LEU B 185 -27.39 3.37 -2.80
C LEU B 185 -26.46 3.37 -1.60
N ARG B 186 -25.85 2.23 -1.32
CA ARG B 186 -25.03 2.08 -0.13
C ARG B 186 -23.56 2.20 -0.51
N LEU B 187 -22.95 3.33 -0.15
CA LEU B 187 -21.56 3.65 -0.44
C LEU B 187 -20.78 3.81 0.85
N SER B 188 -20.84 2.81 1.72
CA SER B 188 -20.30 2.90 3.06
C SER B 188 -18.87 2.38 3.15
N SER B 189 -18.07 3.08 3.94
CA SER B 189 -16.67 2.74 4.18
C SER B 189 -15.90 2.48 2.89
N ILE B 190 -15.99 3.43 1.96
CA ILE B 190 -15.20 3.35 0.73
C ILE B 190 -14.13 4.41 0.72
N THR B 191 -13.98 5.15 1.81
CA THR B 191 -12.91 6.11 2.01
C THR B 191 -12.98 7.32 1.07
N LEU B 192 -13.07 7.13 -0.27
CA LEU B 192 -13.02 8.26 -1.20
C LEU B 192 -11.77 9.12 -0.94
N GLN B 193 -10.63 8.43 -0.87
CA GLN B 193 -9.35 9.00 -0.45
C GLN B 193 -8.91 10.22 -1.27
N ASP B 194 -9.19 10.25 -2.57
CA ASP B 194 -8.77 11.37 -3.43
C ASP B 194 -9.53 12.65 -3.15
N MET B 195 -10.74 12.57 -2.62
CA MET B 195 -11.59 13.75 -2.44
C MET B 195 -11.30 14.59 -1.19
N ASN B 196 -10.08 15.11 -1.09
CA ASN B 196 -9.71 16.02 -0.02
C ASN B 196 -9.80 17.47 -0.53
N GLU B 197 -9.55 18.45 0.35
CA GLU B 197 -9.73 19.85 -0.01
C GLU B 197 -8.74 20.33 -1.09
N TYR B 198 -7.65 19.62 -1.31
CA TYR B 198 -6.61 20.02 -2.26
C TYR B 198 -6.75 19.36 -3.62
N TRP B 199 -7.64 18.39 -3.77
CA TRP B 199 -7.77 17.60 -4.99
C TRP B 199 -7.99 18.50 -6.20
N LEU B 200 -7.18 18.30 -7.24
CA LEU B 200 -7.37 19.10 -8.45
C LEU B 200 -8.58 18.67 -9.26
N GLY B 201 -9.18 17.50 -8.97
CA GLY B 201 -10.27 16.95 -9.74
C GLY B 201 -11.68 17.42 -9.41
N TRP B 202 -11.86 18.31 -8.43
CA TRP B 202 -13.19 18.66 -7.96
C TRP B 202 -14.07 19.29 -9.05
N GLU B 203 -13.55 20.28 -9.78
CA GLU B 203 -14.36 20.93 -10.80
C GLU B 203 -14.74 19.97 -11.92
N LYS B 204 -13.76 19.22 -12.43
CA LYS B 204 -14.04 18.22 -13.45
C LYS B 204 -14.99 17.13 -12.94
N CYS B 205 -15.01 16.91 -11.62
CA CYS B 205 -15.84 15.87 -11.04
C CYS B 205 -17.33 16.12 -11.25
N GLY B 206 -17.73 17.39 -11.30
CA GLY B 206 -19.14 17.72 -11.47
C GLY B 206 -20.03 17.10 -10.40
N ASN B 207 -21.21 16.66 -10.82
CA ASN B 207 -22.19 16.03 -9.94
C ASN B 207 -22.31 14.55 -10.26
N PRO B 208 -21.73 13.66 -9.45
CA PRO B 208 -21.82 12.22 -9.75
C PRO B 208 -23.25 11.70 -9.81
N PHE B 209 -24.18 12.32 -9.08
CA PHE B 209 -25.57 11.89 -9.00
C PHE B 209 -26.50 12.76 -9.83
N LYS B 210 -25.99 13.40 -10.87
CA LYS B 210 -26.81 14.24 -11.74
C LYS B 210 -28.02 13.48 -12.28
N ASN B 211 -29.19 14.14 -12.23
CA ASN B 211 -30.45 13.60 -12.74
C ASN B 211 -30.80 12.24 -12.12
N THR B 212 -30.41 12.05 -10.85
CA THR B 212 -30.59 10.81 -10.13
C THR B 212 -31.18 11.09 -8.76
N SER B 213 -32.19 10.31 -8.37
CA SER B 213 -32.79 10.45 -7.04
C SER B 213 -32.54 9.19 -6.23
N ILE B 214 -32.49 9.34 -4.91
CA ILE B 214 -32.10 8.27 -4.01
C ILE B 214 -33.00 8.35 -2.79
N THR B 215 -33.63 7.23 -2.43
CA THR B 215 -34.43 7.18 -1.21
C THR B 215 -33.52 7.16 0.02
N THR B 216 -32.66 6.13 0.13
CA THR B 216 -31.70 6.02 1.22
C THR B 216 -30.29 6.09 0.62
N LEU B 217 -29.56 7.16 0.96
CA LEU B 217 -28.16 7.31 0.58
C LEU B 217 -27.30 6.99 1.80
N ASP B 218 -26.56 5.90 1.74
CA ASP B 218 -25.71 5.47 2.85
C ASP B 218 -24.25 5.85 2.58
N LEU B 219 -23.77 6.88 3.27
CA LEU B 219 -22.39 7.33 3.14
C LEU B 219 -21.63 7.20 4.46
N SER B 220 -22.02 6.24 5.30
CA SER B 220 -21.39 6.07 6.60
C SER B 220 -19.96 5.57 6.44
N GLY B 221 -19.16 5.81 7.49
CA GLY B 221 -17.81 5.26 7.59
C GLY B 221 -16.78 5.81 6.62
N ASN B 222 -16.95 7.05 6.14
CA ASN B 222 -16.05 7.59 5.13
C ASN B 222 -15.24 8.79 5.62
N GLY B 223 -15.13 8.98 6.93
CA GLY B 223 -14.38 10.12 7.44
C GLY B 223 -15.19 11.40 7.40
N PHE B 224 -15.44 11.89 6.19
CA PHE B 224 -16.26 13.09 5.95
C PHE B 224 -15.91 14.26 6.87
N LYS B 225 -14.64 14.64 6.83
CA LYS B 225 -14.20 15.92 7.36
C LYS B 225 -15.10 17.04 6.83
N GLU B 226 -15.33 18.05 7.67
CA GLU B 226 -16.25 19.12 7.34
C GLU B 226 -15.97 19.72 5.97
N SER B 227 -14.70 20.01 5.67
CA SER B 227 -14.38 20.63 4.39
C SER B 227 -14.74 19.71 3.23
N MET B 228 -14.73 18.41 3.45
CA MET B 228 -15.07 17.45 2.40
C MET B 228 -16.59 17.31 2.24
N ALA B 229 -17.32 17.19 3.35
CA ALA B 229 -18.78 17.12 3.26
C ALA B 229 -19.35 18.32 2.53
N LYS B 230 -18.86 19.52 2.84
CA LYS B 230 -19.36 20.72 2.18
C LYS B 230 -19.14 20.66 0.67
N ARG B 231 -17.93 20.27 0.25
CA ARG B 231 -17.64 20.22 -1.18
C ARG B 231 -18.44 19.12 -1.85
N PHE B 232 -18.65 18.01 -1.16
CA PHE B 232 -19.40 16.90 -1.72
C PHE B 232 -20.88 17.24 -1.91
N PHE B 233 -21.51 17.83 -0.89
CA PHE B 233 -22.92 18.14 -1.02
C PHE B 233 -23.14 19.34 -1.92
N ASP B 234 -22.17 20.24 -2.03
CA ASP B 234 -22.23 21.27 -3.06
C ASP B 234 -22.23 20.63 -4.45
N ALA B 235 -21.40 19.61 -4.63
CA ALA B 235 -21.27 18.97 -5.94
C ALA B 235 -22.56 18.27 -6.33
N ILE B 236 -23.23 17.61 -5.37
CA ILE B 236 -24.45 16.88 -5.66
C ILE B 236 -25.71 17.70 -5.34
N ALA B 237 -25.58 19.02 -5.28
CA ALA B 237 -26.71 19.90 -4.95
C ALA B 237 -27.90 19.61 -5.85
N GLY B 238 -29.08 19.48 -5.24
CA GLY B 238 -30.30 19.24 -5.98
C GLY B 238 -30.72 17.78 -6.02
N THR B 239 -29.85 16.88 -5.61
CA THR B 239 -30.17 15.45 -5.58
C THR B 239 -31.29 15.18 -4.58
N LYS B 240 -32.37 14.59 -5.04
CA LYS B 240 -33.51 14.26 -4.18
C LYS B 240 -33.14 13.07 -3.30
N ILE B 241 -33.05 13.29 -1.99
CA ILE B 241 -32.67 12.26 -1.02
C ILE B 241 -33.65 12.27 0.14
N GLN B 242 -34.24 11.10 0.45
CA GLN B 242 -35.20 11.01 1.55
C GLN B 242 -34.53 10.68 2.86
N SER B 243 -33.58 9.76 2.86
CA SER B 243 -32.83 9.40 4.06
C SER B 243 -31.34 9.48 3.77
N LEU B 244 -30.63 10.30 4.54
CA LEU B 244 -29.21 10.48 4.39
C LEU B 244 -28.53 9.83 5.59
N ILE B 245 -27.67 8.87 5.35
CA ILE B 245 -26.95 8.18 6.42
C ILE B 245 -25.48 8.59 6.38
N LEU B 246 -25.01 9.25 7.45
CA LEU B 246 -23.64 9.72 7.60
C LEU B 246 -23.05 9.32 8.95
N SER B 247 -23.52 8.20 9.50
CA SER B 247 -22.98 7.69 10.75
C SER B 247 -21.52 7.26 10.56
N ASN B 248 -20.81 7.17 11.68
CA ASN B 248 -19.39 6.82 11.72
C ASN B 248 -18.57 7.72 10.80
N SER B 249 -18.89 9.02 10.78
CA SER B 249 -18.01 10.01 10.16
C SER B 249 -16.98 10.48 11.18
N TYR B 250 -15.88 9.73 11.30
CA TYR B 250 -14.92 9.90 12.38
C TYR B 250 -14.11 11.18 12.27
N ASN B 251 -14.13 11.82 11.11
CA ASN B 251 -13.49 13.08 10.78
C ASN B 251 -14.43 14.30 10.79
N MET B 252 -15.73 14.15 11.03
CA MET B 252 -16.62 15.31 10.93
C MET B 252 -16.56 16.27 12.12
N GLY B 253 -17.05 15.91 13.28
CA GLY B 253 -17.01 16.83 14.40
C GLY B 253 -15.58 17.13 14.82
N SER B 254 -15.39 18.23 15.57
CA SER B 254 -13.99 18.50 15.88
C SER B 254 -13.57 17.86 17.19
N SER B 255 -14.53 17.36 17.96
CA SER B 255 -14.35 16.61 19.20
C SER B 255 -13.67 17.32 20.37
N PHE B 256 -13.65 16.61 21.52
CA PHE B 256 -13.01 17.00 22.77
C PHE B 256 -11.50 16.97 22.67
N GLY B 257 -10.86 18.12 22.69
CA GLY B 257 -9.42 18.04 22.59
C GLY B 257 -8.91 18.52 21.25
N HIS B 258 -7.67 18.98 21.26
CA HIS B 258 -7.10 19.63 20.10
C HIS B 258 -7.04 18.68 18.92
N THR B 259 -7.96 18.88 17.99
CA THR B 259 -8.15 18.01 16.85
C THR B 259 -8.06 18.89 15.62
N ASN B 260 -7.43 18.35 14.58
CA ASN B 260 -7.18 19.11 13.36
C ASN B 260 -8.47 19.49 12.62
N PHE B 261 -9.60 18.88 12.96
CA PHE B 261 -10.84 19.01 12.23
C PHE B 261 -11.75 20.09 12.85
N LYS B 262 -12.74 20.52 12.08
CA LYS B 262 -13.68 21.56 12.47
C LYS B 262 -15.09 21.00 12.60
N ASP B 263 -15.93 21.64 13.43
CA ASP B 263 -17.34 21.31 13.45
C ASP B 263 -18.09 21.88 12.23
N PRO B 264 -19.17 21.23 11.80
CA PRO B 264 -19.97 21.78 10.70
C PRO B 264 -20.62 23.10 11.09
N ASP B 265 -20.84 23.95 10.09
CA ASP B 265 -21.55 25.21 10.31
C ASP B 265 -22.70 25.32 9.31
N ASN B 266 -23.23 26.54 9.18
CA ASN B 266 -24.41 26.80 8.36
C ASN B 266 -24.16 26.61 6.86
N PHE B 267 -22.91 26.45 6.42
CA PHE B 267 -22.64 26.22 5.01
C PHE B 267 -22.41 24.76 4.65
N THR B 268 -22.10 23.91 5.64
CA THR B 268 -21.66 22.54 5.36
C THR B 268 -22.67 21.77 4.53
N PHE B 269 -23.96 21.88 4.87
CA PHE B 269 -24.98 21.07 4.23
C PHE B 269 -25.87 21.89 3.29
N LYS B 270 -25.40 23.07 2.88
CA LYS B 270 -26.20 23.94 2.03
C LYS B 270 -26.63 23.28 0.73
N GLY B 271 -25.78 22.42 0.17
CA GLY B 271 -26.13 21.73 -1.08
C GLY B 271 -27.36 20.84 -1.00
N LEU B 272 -27.80 20.49 0.20
CA LEU B 272 -28.96 19.61 0.38
C LEU B 272 -30.24 20.41 0.58
N GLU B 273 -30.15 21.73 0.42
CA GLU B 273 -31.27 22.65 0.57
C GLU B 273 -32.53 22.14 -0.13
N ALA B 274 -32.39 21.69 -1.38
CA ALA B 274 -33.55 21.30 -2.18
C ALA B 274 -33.67 19.78 -2.32
N SER B 275 -33.12 19.04 -1.36
CA SER B 275 -33.06 17.58 -1.48
C SER B 275 -34.28 16.89 -0.87
N GLY B 276 -35.07 17.59 -0.05
CA GLY B 276 -36.24 17.00 0.57
C GLY B 276 -35.92 15.93 1.60
N VAL B 277 -34.80 16.05 2.31
CA VAL B 277 -34.39 15.01 3.24
C VAL B 277 -35.39 14.90 4.39
N LYS B 278 -35.84 13.68 4.66
CA LYS B 278 -36.82 13.40 5.71
C LYS B 278 -36.20 12.83 6.97
N THR B 279 -35.15 12.03 6.85
CA THR B 279 -34.44 11.47 7.99
C THR B 279 -32.94 11.65 7.78
N CYS B 280 -32.22 11.98 8.84
CA CYS B 280 -30.77 12.19 8.76
C CYS B 280 -30.10 11.51 9.95
N ASP B 281 -29.10 10.70 9.66
CA ASP B 281 -28.36 9.97 10.70
C ASP B 281 -26.94 10.52 10.71
N LEU B 282 -26.59 11.24 11.79
CA LEU B 282 -25.25 11.77 11.96
C LEU B 282 -24.56 11.23 13.21
N SER B 283 -24.95 10.04 13.67
CA SER B 283 -24.37 9.53 14.90
C SER B 283 -22.92 9.11 14.72
N LYS B 284 -22.20 9.00 15.85
CA LYS B 284 -20.79 8.54 15.85
C LYS B 284 -19.93 9.39 14.92
N SER B 285 -20.18 10.70 14.86
CA SER B 285 -19.37 11.57 14.01
C SER B 285 -18.47 12.54 14.76
N LYS B 286 -18.10 12.22 15.99
CA LYS B 286 -17.32 13.08 16.87
C LYS B 286 -17.65 14.58 16.87
N ILE B 287 -18.93 14.94 16.71
CA ILE B 287 -19.34 16.34 16.74
C ILE B 287 -19.20 16.89 18.15
N PHE B 288 -18.60 18.07 18.27
CA PHE B 288 -18.36 18.67 19.57
C PHE B 288 -19.29 19.83 19.89
N ALA B 289 -19.57 20.71 18.93
CA ALA B 289 -20.46 21.84 19.16
C ALA B 289 -21.47 21.92 18.01
N LEU B 290 -22.71 22.23 18.34
CA LEU B 290 -23.74 22.51 17.34
C LEU B 290 -23.78 24.01 17.07
N LEU B 291 -23.33 24.42 15.88
CA LEU B 291 -23.22 25.83 15.56
C LEU B 291 -24.54 26.33 14.99
N LYS B 292 -24.66 27.65 14.90
CA LYS B 292 -25.92 28.24 14.50
C LYS B 292 -26.28 27.84 13.06
N SER B 293 -27.55 27.52 12.86
CA SER B 293 -28.10 27.16 11.54
C SER B 293 -27.34 26.01 10.87
N VAL B 294 -26.65 25.16 11.63
CA VAL B 294 -25.94 24.06 10.99
C VAL B 294 -26.90 23.12 10.27
N PHE B 295 -28.15 23.03 10.72
CA PHE B 295 -29.14 22.17 10.10
C PHE B 295 -30.22 22.96 9.37
N SER B 296 -29.99 24.24 9.10
CA SER B 296 -31.04 25.10 8.57
C SER B 296 -31.46 24.78 7.14
N HIS B 297 -30.76 23.88 6.46
CA HIS B 297 -31.09 23.50 5.09
C HIS B 297 -31.90 22.21 5.02
N PHE B 298 -32.16 21.55 6.16
CA PHE B 298 -32.99 20.35 6.19
C PHE B 298 -34.44 20.71 6.52
N THR B 299 -35.06 21.48 5.63
CA THR B 299 -36.38 22.03 5.96
C THR B 299 -37.49 21.00 5.92
N ASP B 300 -37.24 19.80 5.41
CA ASP B 300 -38.24 18.75 5.39
C ASP B 300 -37.95 17.67 6.42
N LEU B 301 -36.86 17.82 7.16
CA LEU B 301 -36.39 16.75 8.03
C LEU B 301 -37.40 16.49 9.14
N GLU B 302 -37.71 15.21 9.36
CA GLU B 302 -38.65 14.79 10.37
C GLU B 302 -37.96 14.04 11.52
N GLN B 303 -36.85 13.38 11.24
CA GLN B 303 -36.10 12.66 12.26
C GLN B 303 -34.63 12.98 12.08
N LEU B 304 -33.96 13.29 13.19
CA LEU B 304 -32.54 13.64 13.20
C LEU B 304 -31.92 12.98 14.41
N THR B 305 -30.93 12.11 14.19
CA THR B 305 -30.15 11.55 15.28
C THR B 305 -28.72 12.04 15.29
N LEU B 306 -28.26 12.47 16.46
CA LEU B 306 -26.89 12.89 16.69
C LEU B 306 -26.26 12.07 17.81
N ALA B 307 -26.80 10.87 18.05
CA ALA B 307 -26.34 10.00 19.11
C ALA B 307 -24.86 9.62 18.98
N GLN B 308 -24.25 9.38 20.14
CA GLN B 308 -22.87 8.90 20.24
C GLN B 308 -21.87 9.79 19.50
N ASN B 309 -22.01 11.11 19.68
CA ASN B 309 -20.99 12.03 19.20
C ASN B 309 -20.19 12.50 20.43
N GLU B 310 -19.68 13.72 20.39
CA GLU B 310 -19.00 14.26 21.55
C GLU B 310 -19.55 15.64 21.89
N ILE B 311 -20.87 15.80 21.73
CA ILE B 311 -21.45 17.14 21.80
C ILE B 311 -21.43 17.65 23.23
N ASN B 312 -20.71 18.76 23.44
CA ASN B 312 -20.64 19.39 24.75
C ASN B 312 -21.38 20.72 24.79
N LYS B 313 -21.57 21.36 23.63
CA LYS B 313 -22.13 22.71 23.54
C LYS B 313 -23.17 22.70 22.43
N ILE B 314 -24.30 23.37 22.68
CA ILE B 314 -25.30 23.67 21.66
C ILE B 314 -25.52 25.17 21.59
N ASP B 315 -25.03 25.79 20.51
CA ASP B 315 -25.17 27.24 20.41
C ASP B 315 -26.62 27.64 20.18
N ASP B 316 -26.88 28.92 20.38
CA ASP B 316 -28.17 29.52 20.08
C ASP B 316 -28.57 29.32 18.62
N ASN B 317 -29.85 29.02 18.39
CA ASN B 317 -30.40 28.82 17.06
C ASN B 317 -29.69 27.73 16.27
N ALA B 318 -29.21 26.70 16.97
CA ALA B 318 -28.59 25.57 16.27
C ALA B 318 -29.61 24.79 15.46
N PHE B 319 -30.88 24.81 15.88
CA PHE B 319 -31.94 24.03 15.28
C PHE B 319 -32.90 24.87 14.44
N TRP B 320 -32.50 26.10 14.09
CA TRP B 320 -33.33 26.94 13.24
C TRP B 320 -33.67 26.25 11.93
N GLY B 321 -34.93 26.30 11.54
CA GLY B 321 -35.38 25.76 10.29
C GLY B 321 -35.91 24.35 10.37
N LEU B 322 -35.81 23.70 11.51
CA LEU B 322 -36.30 22.33 11.61
C LEU B 322 -37.78 22.35 11.99
N THR B 323 -38.56 23.01 11.11
CA THR B 323 -39.98 23.26 11.38
C THR B 323 -40.82 22.00 11.37
N HIS B 324 -40.32 20.90 10.79
CA HIS B 324 -41.07 19.67 10.67
C HIS B 324 -40.48 18.55 11.52
N LEU B 325 -39.38 18.81 12.22
CA LEU B 325 -38.68 17.76 12.95
C LEU B 325 -39.58 17.20 14.04
N LEU B 326 -39.68 15.87 14.09
CA LEU B 326 -40.54 15.21 15.05
C LEU B 326 -39.76 14.42 16.10
N LYS B 327 -38.54 13.99 15.79
CA LYS B 327 -37.77 13.16 16.69
C LYS B 327 -36.32 13.64 16.68
N LEU B 328 -35.77 13.88 17.88
CA LEU B 328 -34.40 14.32 18.05
C LEU B 328 -33.70 13.43 19.06
N ASN B 329 -32.68 12.70 18.62
CA ASN B 329 -31.89 11.82 19.50
C ASN B 329 -30.50 12.41 19.76
N LEU B 330 -30.24 12.78 21.01
CA LEU B 330 -28.94 13.34 21.41
C LEU B 330 -28.23 12.44 22.44
N SER B 331 -28.60 11.17 22.51
CA SER B 331 -28.05 10.24 23.48
C SER B 331 -26.55 10.01 23.30
N GLN B 332 -25.86 9.75 24.42
CA GLN B 332 -24.42 9.46 24.45
C GLN B 332 -23.57 10.61 23.89
N ASN B 333 -23.71 11.76 24.53
CA ASN B 333 -22.85 12.92 24.27
C ASN B 333 -22.34 13.42 25.63
N PHE B 334 -21.94 14.69 25.70
CA PHE B 334 -21.32 15.20 26.92
C PHE B 334 -21.98 16.50 27.34
N LEU B 335 -23.30 16.55 27.21
CA LEU B 335 -24.03 17.77 27.55
C LEU B 335 -23.80 18.05 29.03
N GLY B 336 -23.59 19.31 29.38
CA GLY B 336 -23.43 19.63 30.78
C GLY B 336 -24.63 20.18 31.52
N SER B 337 -25.39 21.04 30.85
CA SER B 337 -26.61 21.59 31.40
C SER B 337 -27.55 21.98 30.27
N ILE B 338 -28.85 21.94 30.55
CA ILE B 338 -29.87 22.21 29.57
C ILE B 338 -30.54 23.50 29.99
N ASP B 339 -30.74 24.41 29.03
CA ASP B 339 -31.51 25.63 29.23
C ASP B 339 -32.53 25.83 28.11
N SER B 340 -33.38 26.84 28.34
CA SER B 340 -34.50 27.14 27.45
C SER B 340 -34.03 27.48 26.04
N ARG B 341 -32.93 28.23 25.91
CA ARG B 341 -32.48 28.66 24.59
C ARG B 341 -32.12 27.48 23.71
N MET B 342 -31.62 26.40 24.30
CA MET B 342 -31.00 25.33 23.53
C MET B 342 -31.98 24.69 22.55
N PHE B 343 -33.25 24.56 22.94
CA PHE B 343 -34.24 23.89 22.12
C PHE B 343 -35.23 24.84 21.46
N GLU B 344 -34.82 26.07 21.17
CA GLU B 344 -35.67 26.93 20.37
C GLU B 344 -35.76 26.41 18.94
N ASN B 345 -36.79 26.87 18.24
CA ASN B 345 -37.06 26.55 16.84
C ASN B 345 -37.42 25.07 16.65
N LEU B 346 -38.04 24.46 17.66
CA LEU B 346 -38.47 23.06 17.60
C LEU B 346 -39.89 22.93 18.13
N ASP B 347 -40.78 23.83 17.69
CA ASP B 347 -42.13 23.88 18.26
C ASP B 347 -42.87 22.55 18.12
N LYS B 348 -42.59 21.81 17.05
CA LYS B 348 -43.30 20.57 16.75
C LYS B 348 -42.61 19.32 17.30
N LEU B 349 -41.50 19.47 18.03
CA LEU B 349 -40.73 18.31 18.48
C LEU B 349 -41.59 17.40 19.35
N GLU B 350 -41.51 16.10 19.09
CA GLU B 350 -42.29 15.12 19.83
C GLU B 350 -41.45 14.13 20.64
N VAL B 351 -40.22 13.87 20.24
CA VAL B 351 -39.36 12.90 20.92
C VAL B 351 -37.99 13.54 21.12
N LEU B 352 -37.53 13.60 22.36
CA LEU B 352 -36.22 14.16 22.69
C LEU B 352 -35.48 13.18 23.58
N ASP B 353 -34.34 12.68 23.10
CA ASP B 353 -33.51 11.73 23.83
C ASP B 353 -32.25 12.41 24.36
N LEU B 354 -32.18 12.61 25.68
CA LEU B 354 -31.03 13.21 26.33
C LEU B 354 -30.35 12.23 27.29
N SER B 355 -30.62 10.93 27.15
CA SER B 355 -30.05 9.89 27.99
C SER B 355 -28.55 9.75 27.78
N TYR B 356 -27.89 9.14 28.79
CA TYR B 356 -26.45 8.86 28.74
C TYR B 356 -25.64 10.11 28.43
N ASN B 357 -25.84 11.15 29.24
CA ASN B 357 -25.11 12.40 29.04
C ASN B 357 -24.44 12.74 30.36
N HIS B 358 -24.12 14.01 30.56
CA HIS B 358 -23.45 14.48 31.76
C HIS B 358 -24.21 15.65 32.37
N ILE B 359 -25.53 15.65 32.21
CA ILE B 359 -26.37 16.77 32.64
C ILE B 359 -26.46 16.83 34.16
N ARG B 360 -26.10 17.99 34.72
CA ARG B 360 -26.17 18.27 36.15
C ARG B 360 -27.18 19.36 36.49
N ALA B 361 -27.77 20.02 35.49
CA ALA B 361 -28.70 21.12 35.71
C ALA B 361 -29.70 21.23 34.57
N LEU B 362 -30.96 21.44 34.92
CA LEU B 362 -32.02 21.77 33.98
C LEU B 362 -32.45 23.20 34.26
N GLY B 363 -32.41 24.05 33.23
CA GLY B 363 -32.86 25.42 33.40
C GLY B 363 -34.35 25.50 33.67
N ASP B 364 -34.75 26.60 34.30
CA ASP B 364 -36.13 26.80 34.74
C ASP B 364 -37.14 26.50 33.63
N GLN B 365 -36.92 27.04 32.44
CA GLN B 365 -37.85 26.92 31.33
C GLN B 365 -37.27 26.04 30.21
N SER B 366 -36.56 24.99 30.61
CA SER B 366 -35.77 24.18 29.69
C SER B 366 -36.59 23.68 28.50
N PHE B 367 -37.85 23.29 28.73
CA PHE B 367 -38.67 22.66 27.71
C PHE B 367 -39.82 23.57 27.29
N LEU B 368 -39.64 24.88 27.44
CA LEU B 368 -40.70 25.84 27.16
C LEU B 368 -41.18 25.77 25.72
N GLY B 369 -40.25 25.74 24.77
CA GLY B 369 -40.67 25.78 23.39
C GLY B 369 -40.99 24.44 22.77
N LEU B 370 -41.43 23.47 23.57
CA LEU B 370 -41.72 22.11 23.09
C LEU B 370 -43.11 21.68 23.53
N PRO B 371 -44.16 22.36 23.07
CA PRO B 371 -45.51 22.06 23.59
C PRO B 371 -46.04 20.69 23.18
N ASN B 372 -45.49 20.08 22.12
CA ASN B 372 -45.99 18.82 21.60
C ASN B 372 -45.14 17.62 22.03
N LEU B 373 -44.14 17.82 22.88
CA LEU B 373 -43.24 16.74 23.30
C LEU B 373 -44.00 15.60 23.97
N LYS B 374 -43.81 14.39 23.43
CA LYS B 374 -44.42 13.17 23.96
C LYS B 374 -43.45 12.29 24.73
N GLU B 375 -42.18 12.21 24.31
CA GLU B 375 -41.22 11.32 24.95
C GLU B 375 -39.94 12.09 25.28
N LEU B 376 -39.55 12.04 26.56
CA LEU B 376 -38.36 12.74 27.05
C LEU B 376 -37.53 11.75 27.86
N ALA B 377 -36.32 11.45 27.39
CA ALA B 377 -35.41 10.57 28.10
C ALA B 377 -34.32 11.39 28.77
N LEU B 378 -34.22 11.27 30.11
CA LEU B 378 -33.18 11.94 30.88
C LEU B 378 -32.41 11.00 31.80
N ASP B 379 -32.53 9.69 31.60
CA ASP B 379 -31.87 8.71 32.45
C ASP B 379 -30.35 8.73 32.26
N THR B 380 -29.66 8.11 33.22
CA THR B 380 -28.21 7.94 33.21
C THR B 380 -27.46 9.26 33.01
N ASN B 381 -27.74 10.21 33.91
CA ASN B 381 -27.00 11.46 33.97
C ASN B 381 -26.46 11.67 35.38
N GLN B 382 -26.29 12.93 35.78
CA GLN B 382 -25.76 13.26 37.11
C GLN B 382 -26.64 14.30 37.79
N LEU B 383 -27.95 14.26 37.50
CA LEU B 383 -28.88 15.23 38.04
C LEU B 383 -29.16 14.94 39.52
N LYS B 384 -29.00 15.97 40.36
CA LYS B 384 -29.34 15.85 41.78
C LYS B 384 -30.70 16.45 42.12
N SER B 385 -31.22 17.36 41.29
CA SER B 385 -32.46 18.07 41.59
C SER B 385 -32.99 18.66 40.30
N VAL B 386 -34.27 19.01 40.30
CA VAL B 386 -34.86 19.73 39.17
C VAL B 386 -35.58 20.96 39.69
N PRO B 387 -35.73 21.99 38.84
CA PRO B 387 -36.51 23.16 39.24
C PRO B 387 -38.00 22.88 39.34
N ASP B 388 -38.64 23.57 40.28
CA ASP B 388 -40.09 23.50 40.44
C ASP B 388 -40.80 23.88 39.14
N GLY B 389 -41.79 23.08 38.74
CA GLY B 389 -42.59 23.41 37.58
C GLY B 389 -41.97 23.08 36.23
N ILE B 390 -40.86 22.34 36.21
CA ILE B 390 -40.13 22.08 34.97
C ILE B 390 -41.00 21.34 33.95
N PHE B 391 -41.99 20.59 34.39
CA PHE B 391 -42.79 19.76 33.49
C PHE B 391 -44.21 20.25 33.25
N ASP B 392 -44.62 21.39 33.84
CA ASP B 392 -46.01 21.80 33.76
C ASP B 392 -46.39 22.17 32.35
N ARG B 393 -45.42 22.54 31.53
CA ARG B 393 -45.74 22.93 30.19
C ARG B 393 -45.67 21.76 29.22
N LEU B 394 -45.22 20.58 29.68
CA LEU B 394 -45.20 19.38 28.84
C LEU B 394 -46.62 18.79 28.86
N THR B 395 -47.54 19.48 28.20
CA THR B 395 -48.92 19.05 28.34
C THR B 395 -49.25 17.82 27.51
N SER B 396 -48.39 17.47 26.55
CA SER B 396 -48.58 16.29 25.74
C SER B 396 -47.78 15.09 26.23
N LEU B 397 -46.96 15.27 27.27
CA LEU B 397 -46.01 14.25 27.68
C LEU B 397 -46.68 12.91 27.97
N GLN B 398 -46.07 11.84 27.46
CA GLN B 398 -46.54 10.48 27.65
C GLN B 398 -45.54 9.56 28.32
N LYS B 399 -44.23 9.76 28.08
CA LYS B 399 -43.19 8.89 28.60
C LYS B 399 -42.01 9.75 29.07
N ILE B 400 -41.47 9.42 30.24
CA ILE B 400 -40.27 10.10 30.75
C ILE B 400 -39.35 9.09 31.43
N TRP B 401 -38.04 9.26 31.22
CA TRP B 401 -37.00 8.44 31.83
C TRP B 401 -36.20 9.30 32.80
N LEU B 402 -36.13 8.90 34.07
CA LEU B 402 -35.38 9.66 35.05
C LEU B 402 -34.45 8.81 35.92
N HIS B 403 -34.38 7.51 35.67
CA HIS B 403 -33.57 6.64 36.51
C HIS B 403 -32.08 6.86 36.29
N THR B 404 -31.28 6.19 37.11
CA THR B 404 -29.82 6.31 37.10
C THR B 404 -29.37 7.76 37.21
N ASN B 405 -29.96 8.48 38.16
CA ASN B 405 -29.45 9.79 38.52
C ASN B 405 -29.26 9.83 40.03
N PRO B 406 -28.23 10.54 40.51
CA PRO B 406 -27.98 10.60 41.96
C PRO B 406 -28.91 11.57 42.69
N TRP B 407 -30.22 11.30 42.64
CA TRP B 407 -31.15 12.27 43.20
C TRP B 407 -30.90 12.46 44.69
N ASP B 408 -30.76 13.72 45.10
CA ASP B 408 -30.64 14.06 46.51
C ASP B 408 -32.06 14.27 47.03
N CYS B 409 -32.57 13.33 47.81
CA CYS B 409 -33.98 13.39 48.21
C CYS B 409 -34.08 14.06 49.58
N SER B 410 -34.77 15.19 49.58
CA SER B 410 -35.12 15.93 50.78
C SER B 410 -36.38 16.72 50.44
N CYS B 411 -37.20 16.95 51.45
CA CYS B 411 -38.43 17.72 51.32
C CYS B 411 -38.19 19.14 51.82
N PRO B 412 -38.79 20.15 51.18
CA PRO B 412 -39.78 20.12 50.10
C PRO B 412 -39.20 20.14 48.68
N ARG B 413 -37.92 19.78 48.54
CA ARG B 413 -37.25 19.83 47.25
C ARG B 413 -37.95 18.90 46.25
N ILE B 414 -38.42 17.75 46.71
CA ILE B 414 -39.01 16.69 45.87
C ILE B 414 -40.52 16.86 45.68
N ASP B 415 -41.07 17.96 46.19
CA ASP B 415 -42.52 18.11 46.22
C ASP B 415 -43.18 18.13 44.84
N TYR B 416 -42.68 18.96 43.93
CA TYR B 416 -43.29 19.05 42.61
C TYR B 416 -43.22 17.71 41.89
N LEU B 417 -42.03 17.12 41.85
CA LEU B 417 -41.81 15.91 41.07
C LEU B 417 -42.60 14.72 41.61
N SER B 418 -42.61 14.54 42.92
CA SER B 418 -43.37 13.42 43.52
C SER B 418 -44.87 13.50 43.24
N ARG B 419 -45.48 14.66 43.43
CA ARG B 419 -46.91 14.80 43.13
C ARG B 419 -47.20 14.60 41.65
N TRP B 420 -46.40 15.24 40.79
CA TRP B 420 -46.61 15.13 39.35
C TRP B 420 -46.44 13.69 38.88
N LEU B 421 -45.40 13.02 39.38
CA LEU B 421 -45.11 11.63 39.06
C LEU B 421 -46.17 10.67 39.58
N ASN B 422 -46.84 11.01 40.69
CA ASN B 422 -47.89 10.14 41.23
C ASN B 422 -49.13 10.13 40.35
N LYS B 423 -49.64 11.30 39.98
CA LYS B 423 -50.81 11.32 39.11
C LYS B 423 -50.51 10.61 37.79
N ASN B 424 -49.26 10.71 37.32
CA ASN B 424 -48.79 10.14 36.06
C ASN B 424 -47.89 8.93 36.24
N SER B 425 -48.15 8.09 37.26
CA SER B 425 -47.24 6.99 37.61
C SER B 425 -47.06 5.99 36.46
N GLN B 426 -48.04 5.88 35.56
CA GLN B 426 -47.98 4.95 34.44
C GLN B 426 -47.02 5.40 33.35
N LYS B 427 -46.58 6.66 33.38
CA LYS B 427 -45.69 7.22 32.36
C LYS B 427 -44.21 7.06 32.66
N GLU B 428 -43.81 6.91 33.92
CA GLU B 428 -42.40 6.85 34.25
C GLU B 428 -41.82 5.55 33.74
N GLN B 429 -40.81 5.63 32.87
CA GLN B 429 -40.11 4.43 32.44
C GLN B 429 -38.94 4.20 33.39
N GLY B 430 -38.91 3.04 34.02
CA GLY B 430 -37.91 2.79 35.03
C GLY B 430 -38.33 3.52 36.30
N SER B 431 -37.35 3.72 37.17
CA SER B 431 -37.61 4.27 38.50
C SER B 431 -36.44 5.17 38.88
N ALA B 432 -36.67 6.48 38.96
CA ALA B 432 -35.61 7.35 39.46
C ALA B 432 -35.45 7.05 40.94
N LYS B 433 -34.22 6.86 41.39
CA LYS B 433 -34.06 6.44 42.77
C LYS B 433 -33.21 7.39 43.58
N CYS B 434 -33.64 7.63 44.80
CA CYS B 434 -32.82 8.35 45.77
C CYS B 434 -31.60 7.49 46.08
N SER B 435 -30.43 8.11 46.12
CA SER B 435 -29.31 7.31 46.61
C SER B 435 -29.60 7.09 48.09
N GLY B 436 -29.46 5.86 48.54
CA GLY B 436 -29.77 5.58 49.92
C GLY B 436 -31.12 4.90 50.04
N SER B 437 -32.24 5.62 49.86
CA SER B 437 -33.51 4.90 50.02
C SER B 437 -33.83 4.01 48.84
N GLY B 438 -33.54 4.46 47.62
CA GLY B 438 -33.85 3.53 46.55
C GLY B 438 -35.31 3.46 46.13
N LYS B 439 -36.05 4.58 46.05
CA LYS B 439 -37.45 4.45 45.63
C LYS B 439 -38.33 5.66 45.29
N PRO B 440 -38.26 6.80 46.05
CA PRO B 440 -39.12 7.98 45.77
C PRO B 440 -40.10 7.99 44.62
N VAL B 441 -40.04 9.08 43.83
CA VAL B 441 -40.90 9.22 42.66
C VAL B 441 -42.32 9.35 43.22
N ARG B 442 -43.28 8.60 42.67
CA ARG B 442 -44.67 8.65 43.12
C ARG B 442 -44.82 8.19 44.56
N SER B 443 -43.83 7.50 45.12
CA SER B 443 -43.91 6.90 46.44
C SER B 443 -43.30 7.79 47.53
N ILE B 444 -43.52 9.09 47.48
CA ILE B 444 -42.96 10.02 48.46
C ILE B 444 -43.99 11.11 48.72
N ILE B 445 -44.36 11.29 49.99
CA ILE B 445 -45.25 12.37 50.40
C ILE B 445 -44.53 13.32 51.35
N CYS B 446 -44.22 14.53 50.89
CA CYS B 446 -43.57 15.50 51.76
C CYS B 446 -44.56 16.06 52.78
N PRO B 447 -44.14 16.22 54.04
CA PRO B 447 -45.01 16.74 55.11
C PRO B 447 -45.56 18.13 54.79
N LEU C 13 12.72 8.33 -4.22
CA LEU C 13 13.32 7.00 -4.10
C LEU C 13 12.79 6.25 -2.88
N TYR C 14 12.85 6.87 -1.71
CA TYR C 14 12.17 6.33 -0.56
C TYR C 14 10.92 7.11 -0.18
N PHE C 15 10.89 8.41 -0.46
CA PHE C 15 9.76 9.25 -0.08
C PHE C 15 9.43 10.19 -1.22
N GLN C 16 8.15 10.29 -1.54
CA GLN C 16 7.60 11.29 -2.46
C GLN C 16 6.80 12.25 -1.58
N GLY C 17 7.46 13.30 -1.11
CA GLY C 17 6.89 14.08 -0.02
C GLY C 17 7.07 13.33 1.28
N ALA C 18 5.98 13.10 2.01
CA ALA C 18 5.99 12.27 3.21
C ALA C 18 5.44 10.87 2.96
N CYS C 19 4.98 10.61 1.75
CA CYS C 19 4.47 9.31 1.39
C CYS C 19 5.59 8.34 1.05
N PRO C 20 5.58 7.12 1.57
CA PRO C 20 6.58 6.14 1.15
C PRO C 20 6.53 5.97 -0.36
N SER C 21 7.70 5.88 -0.97
CA SER C 21 7.78 5.89 -2.43
C SER C 21 7.04 4.72 -3.06
N GLN C 22 6.96 3.59 -2.35
CA GLN C 22 6.25 2.43 -2.87
C GLN C 22 4.74 2.53 -2.75
N CYS C 23 4.24 3.51 -2.00
CA CYS C 23 2.82 3.62 -1.75
C CYS C 23 2.28 4.89 -2.39
N SER C 24 0.95 5.00 -2.36
CA SER C 24 0.24 6.18 -2.85
C SER C 24 -0.56 6.73 -1.67
N CYS C 25 -0.45 8.04 -1.45
CA CYS C 25 -1.05 8.66 -0.27
C CYS C 25 -2.01 9.77 -0.67
N SER C 26 -3.13 9.85 0.04
CA SER C 26 -4.10 10.91 -0.20
C SER C 26 -4.80 11.18 1.12
N GLY C 27 -4.81 12.44 1.54
CA GLY C 27 -5.40 12.77 2.83
C GLY C 27 -4.71 11.98 3.91
N THR C 28 -5.48 11.21 4.69
CA THR C 28 -4.93 10.37 5.73
C THR C 28 -4.94 8.90 5.33
N THR C 29 -5.08 8.61 4.03
CA THR C 29 -5.07 7.26 3.51
C THR C 29 -3.72 6.96 2.88
N VAL C 30 -3.15 5.80 3.23
CA VAL C 30 -1.89 5.35 2.67
C VAL C 30 -2.18 4.02 1.99
N ASP C 31 -2.00 3.98 0.67
CA ASP C 31 -2.32 2.81 -0.15
C ASP C 31 -1.02 2.16 -0.59
N CYS C 32 -0.67 1.03 0.05
CA CYS C 32 0.47 0.23 -0.33
C CYS C 32 0.08 -1.09 -0.97
N SER C 33 -1.13 -1.18 -1.50
CA SER C 33 -1.65 -2.43 -2.02
C SER C 33 -1.13 -2.71 -3.43
N GLY C 34 -1.03 -4.00 -3.76
CA GLY C 34 -0.74 -4.45 -5.10
C GLY C 34 0.62 -4.01 -5.61
N LYS C 35 1.60 -3.91 -4.72
CA LYS C 35 2.92 -3.39 -5.07
C LYS C 35 4.01 -4.42 -4.84
N SER C 36 3.64 -5.70 -4.84
CA SER C 36 4.58 -6.82 -4.68
C SER C 36 5.46 -6.63 -3.44
N LEU C 37 4.92 -6.04 -2.38
CA LEU C 37 5.71 -5.76 -1.19
C LEU C 37 5.96 -7.01 -0.35
N ALA C 38 7.21 -7.17 0.11
CA ALA C 38 7.56 -8.25 1.03
C ALA C 38 7.49 -7.85 2.49
N SER C 39 7.45 -6.55 2.79
CA SER C 39 7.39 -6.10 4.17
C SER C 39 6.61 -4.79 4.22
N VAL C 40 6.22 -4.40 5.42
CA VAL C 40 5.50 -3.14 5.62
C VAL C 40 6.44 -1.97 5.37
N PRO C 41 6.06 -0.98 4.57
CA PRO C 41 6.94 0.17 4.36
C PRO C 41 7.16 0.97 5.63
N GLY C 42 8.37 1.53 5.76
CA GLY C 42 8.66 2.45 6.83
C GLY C 42 8.18 3.85 6.52
N GLY C 43 8.11 4.68 7.56
CA GLY C 43 7.79 6.08 7.35
C GLY C 43 6.35 6.36 7.04
N ILE C 44 5.44 5.47 7.42
CA ILE C 44 4.01 5.73 7.27
C ILE C 44 3.63 6.86 8.23
N PRO C 45 3.00 7.93 7.77
CA PRO C 45 2.77 9.07 8.66
C PRO C 45 1.86 8.69 9.82
N THR C 46 2.13 9.31 10.97
CA THR C 46 1.37 9.02 12.17
C THR C 46 -0.08 9.48 12.08
N THR C 47 -0.41 10.33 11.13
CA THR C 47 -1.79 10.75 10.96
C THR C 47 -2.62 9.75 10.16
N THR C 48 -2.03 8.64 9.74
CA THR C 48 -2.74 7.72 8.87
C THR C 48 -3.94 7.13 9.59
N GLN C 49 -5.10 7.23 8.95
CA GLN C 49 -6.35 6.64 9.39
C GLN C 49 -6.76 5.40 8.61
N VAL C 50 -6.35 5.29 7.34
CA VAL C 50 -6.68 4.14 6.50
C VAL C 50 -5.38 3.63 5.91
N LEU C 51 -5.05 2.36 6.15
CA LEU C 51 -3.83 1.74 5.63
C LEU C 51 -4.18 0.51 4.80
N TYR C 52 -3.93 0.58 3.51
CA TYR C 52 -4.12 -0.57 2.64
C TYR C 52 -2.80 -1.31 2.44
N LEU C 53 -2.73 -2.56 2.88
CA LEU C 53 -1.56 -3.40 2.63
C LEU C 53 -1.90 -4.69 1.89
N TYR C 54 -3.09 -4.81 1.30
CA TYR C 54 -3.59 -6.05 0.72
C TYR C 54 -2.92 -6.37 -0.62
N ASP C 55 -2.97 -7.64 -1.00
CA ASP C 55 -2.42 -8.13 -2.27
C ASP C 55 -0.93 -7.79 -2.39
N ASN C 56 -0.15 -8.30 -1.45
CA ASN C 56 1.31 -8.19 -1.48
C ASN C 56 1.88 -9.58 -1.18
N GLN C 57 3.14 -9.63 -0.79
CA GLN C 57 3.77 -10.91 -0.46
C GLN C 57 4.41 -10.85 0.93
N ILE C 58 3.71 -10.23 1.87
CA ILE C 58 4.24 -10.04 3.23
C ILE C 58 4.13 -11.37 3.97
N THR C 59 5.25 -11.86 4.49
CA THR C 59 5.25 -13.16 5.16
C THR C 59 5.28 -13.06 6.68
N LYS C 60 5.66 -11.92 7.25
CA LYS C 60 5.68 -11.77 8.70
C LYS C 60 5.55 -10.29 9.01
N LEU C 61 5.11 -10.00 10.23
CA LEU C 61 5.14 -8.65 10.79
C LEU C 61 6.16 -8.58 11.92
N GLU C 62 6.95 -7.54 11.91
CA GLU C 62 7.88 -7.29 13.00
C GLU C 62 7.13 -6.75 14.21
N PRO C 63 7.55 -7.12 15.42
CA PRO C 63 6.89 -6.62 16.63
C PRO C 63 6.88 -5.09 16.66
N GLY C 64 5.72 -4.53 16.99
CA GLY C 64 5.57 -3.10 17.12
C GLY C 64 5.36 -2.34 15.82
N VAL C 65 5.20 -3.03 14.69
CA VAL C 65 5.15 -2.35 13.40
C VAL C 65 4.04 -1.28 13.40
N PHE C 66 2.92 -1.56 14.09
CA PHE C 66 1.77 -0.65 14.10
C PHE C 66 1.72 0.21 15.36
N ASP C 67 2.74 0.12 16.24
CA ASP C 67 2.63 0.75 17.55
C ASP C 67 2.45 2.26 17.47
N ARG C 68 3.00 2.90 16.45
CA ARG C 68 2.89 4.35 16.32
C ARG C 68 1.62 4.78 15.60
N LEU C 69 0.92 3.86 14.98
CA LEU C 69 -0.24 4.21 14.15
C LEU C 69 -1.53 4.25 14.99
N VAL C 70 -1.53 5.13 16.00
CA VAL C 70 -2.61 5.16 16.98
C VAL C 70 -3.92 5.70 16.39
N ASN C 71 -3.87 6.32 15.20
CA ASN C 71 -5.05 6.88 14.54
C ASN C 71 -5.69 5.97 13.52
N LEU C 72 -5.24 4.73 13.38
CA LEU C 72 -5.73 3.85 12.32
C LEU C 72 -7.18 3.49 12.56
N GLN C 73 -8.02 3.68 11.53
CA GLN C 73 -9.40 3.25 11.63
C GLN C 73 -9.67 1.98 10.83
N GLN C 74 -8.83 1.67 9.85
CA GLN C 74 -8.98 0.50 9.00
C GLN C 74 -7.61 -0.07 8.71
N LEU C 75 -7.47 -1.38 8.79
CA LEU C 75 -6.22 -2.05 8.46
C LEU C 75 -6.53 -3.23 7.56
N TRP C 76 -6.05 -3.19 6.32
CA TRP C 76 -6.36 -4.20 5.32
C TRP C 76 -5.10 -5.01 5.02
N LEU C 77 -5.05 -6.23 5.56
CA LEU C 77 -3.88 -7.10 5.43
C LEU C 77 -4.17 -8.36 4.60
N GLU C 78 -5.33 -8.44 3.96
CA GLU C 78 -5.76 -9.64 3.25
C GLU C 78 -4.89 -9.87 1.99
N ILE C 79 -4.85 -11.13 1.55
CA ILE C 79 -4.09 -11.55 0.38
C ILE C 79 -2.61 -11.29 0.63
N ASN C 80 -2.07 -11.97 1.62
CA ASN C 80 -0.64 -11.98 1.89
C ASN C 80 -0.28 -13.41 2.24
N GLN C 81 0.87 -13.59 2.86
CA GLN C 81 1.37 -14.92 3.22
C GLN C 81 1.74 -14.97 4.70
N LEU C 82 0.98 -14.29 5.54
CA LEU C 82 1.31 -14.24 6.96
C LEU C 82 1.12 -15.63 7.57
N THR C 83 2.16 -16.12 8.26
CA THR C 83 2.11 -17.42 8.93
C THR C 83 1.92 -17.36 10.44
N SER C 84 2.07 -16.20 11.07
CA SER C 84 1.77 -16.01 12.48
C SER C 84 1.70 -14.52 12.73
N LEU C 85 1.19 -14.15 13.90
CA LEU C 85 1.20 -12.76 14.31
C LEU C 85 2.04 -12.55 15.56
N PRO C 86 2.81 -11.48 15.63
CA PRO C 86 3.54 -11.17 16.87
C PRO C 86 2.58 -10.80 17.98
N ALA C 87 2.95 -11.19 19.21
CA ALA C 87 2.20 -10.77 20.38
C ALA C 87 2.10 -9.25 20.43
N GLY C 88 0.92 -8.74 20.79
CA GLY C 88 0.73 -7.32 21.01
C GLY C 88 0.63 -6.45 19.77
N VAL C 89 0.58 -7.03 18.56
CA VAL C 89 0.72 -6.22 17.35
C VAL C 89 -0.43 -5.24 17.18
N PHE C 90 -1.61 -5.53 17.73
CA PHE C 90 -2.76 -4.64 17.62
C PHE C 90 -3.05 -3.84 18.89
N ASP C 91 -2.22 -3.97 19.93
CA ASP C 91 -2.61 -3.50 21.25
C ASP C 91 -2.83 -1.98 21.29
N ASN C 92 -2.12 -1.22 20.46
CA ASN C 92 -2.22 0.23 20.51
C ASN C 92 -3.27 0.81 19.57
N LEU C 93 -3.98 -0.04 18.83
CA LEU C 93 -4.94 0.41 17.82
C LEU C 93 -6.36 0.51 18.37
N THR C 94 -6.54 1.36 19.39
CA THR C 94 -7.81 1.36 20.09
C THR C 94 -8.95 1.93 19.25
N GLN C 95 -8.67 2.70 18.19
CA GLN C 95 -9.75 3.17 17.32
C GLN C 95 -10.04 2.21 16.18
N LEU C 96 -9.39 1.06 16.13
CA LEU C 96 -9.49 0.18 14.98
C LEU C 96 -10.90 -0.41 14.90
N SER C 97 -11.59 -0.21 13.78
CA SER C 97 -12.90 -0.82 13.61
C SER C 97 -12.89 -1.93 12.57
N ILE C 98 -12.00 -1.85 11.57
CA ILE C 98 -11.92 -2.78 10.45
C ILE C 98 -10.55 -3.43 10.43
N LEU C 99 -10.52 -4.75 10.54
CA LEU C 99 -9.30 -5.55 10.49
C LEU C 99 -9.56 -6.74 9.57
N ASN C 100 -8.92 -6.74 8.40
CA ASN C 100 -9.16 -7.72 7.35
C ASN C 100 -7.92 -8.59 7.16
N MET C 101 -8.03 -9.88 7.49
CA MET C 101 -6.88 -10.76 7.34
C MET C 101 -7.19 -12.02 6.54
N HIS C 102 -8.23 -12.01 5.71
CA HIS C 102 -8.54 -13.22 4.99
C HIS C 102 -7.47 -13.50 3.92
N THR C 103 -7.41 -14.76 3.50
CA THR C 103 -6.48 -15.24 2.46
C THR C 103 -5.06 -14.93 2.88
N ASN C 104 -4.67 -15.55 3.99
CA ASN C 104 -3.30 -15.55 4.51
C ASN C 104 -2.97 -16.98 4.92
N GLN C 105 -1.89 -17.18 5.68
CA GLN C 105 -1.47 -18.53 6.06
C GLN C 105 -1.53 -18.74 7.57
N LEU C 106 -2.44 -18.04 8.25
CA LEU C 106 -2.48 -18.08 9.70
C LEU C 106 -3.06 -19.40 10.22
N LYS C 107 -2.41 -19.96 11.25
CA LYS C 107 -2.94 -21.17 11.87
C LYS C 107 -3.62 -20.88 13.21
N SER C 108 -3.27 -19.78 13.87
CA SER C 108 -3.89 -19.38 15.11
C SER C 108 -3.60 -17.89 15.32
N ILE C 109 -4.21 -17.33 16.35
CA ILE C 109 -4.00 -15.95 16.76
C ILE C 109 -3.43 -15.95 18.17
N PRO C 110 -2.38 -15.18 18.44
CA PRO C 110 -1.80 -15.18 19.79
C PRO C 110 -2.81 -14.77 20.85
N ARG C 111 -2.68 -15.38 22.03
CA ARG C 111 -3.64 -15.15 23.10
C ARG C 111 -3.68 -13.67 23.44
N GLY C 112 -4.89 -13.13 23.51
CA GLY C 112 -5.12 -11.74 23.84
C GLY C 112 -4.90 -10.77 22.69
N ALA C 113 -4.71 -11.26 21.47
CA ALA C 113 -4.33 -10.38 20.36
C ALA C 113 -5.34 -9.27 20.14
N PHE C 114 -6.64 -9.54 20.37
CA PHE C 114 -7.68 -8.57 20.07
C PHE C 114 -8.20 -7.87 21.31
N ASP C 115 -7.53 -8.10 22.44
CA ASP C 115 -8.03 -7.63 23.72
C ASP C 115 -8.25 -6.13 23.72
N ASN C 116 -7.35 -5.37 23.10
CA ASN C 116 -7.39 -3.92 23.16
C ASN C 116 -8.27 -3.27 22.10
N LEU C 117 -8.90 -4.05 21.22
CA LEU C 117 -9.57 -3.52 20.02
C LEU C 117 -11.05 -3.27 20.34
N LYS C 118 -11.27 -2.33 21.27
CA LYS C 118 -12.62 -2.04 21.72
C LYS C 118 -13.47 -1.33 20.69
N SER C 119 -12.88 -0.78 19.62
CA SER C 119 -13.66 -0.16 18.57
C SER C 119 -13.91 -1.09 17.39
N LEU C 120 -13.47 -2.35 17.48
CA LEU C 120 -13.60 -3.29 16.37
C LEU C 120 -15.06 -3.64 16.10
N THR C 121 -15.46 -3.54 14.82
CA THR C 121 -16.82 -3.91 14.41
C THR C 121 -16.86 -4.90 13.24
N HIS C 122 -15.79 -5.01 12.44
CA HIS C 122 -15.73 -5.91 11.28
C HIS C 122 -14.39 -6.62 11.28
N ILE C 123 -14.39 -7.96 11.30
CA ILE C 123 -13.15 -8.71 11.19
C ILE C 123 -13.33 -9.85 10.18
N TRP C 124 -12.35 -10.03 9.30
CA TRP C 124 -12.36 -11.12 8.32
C TRP C 124 -11.28 -12.12 8.64
N LEU C 125 -11.66 -13.38 8.76
CA LEU C 125 -10.71 -14.43 9.09
C LEU C 125 -10.77 -15.63 8.16
N LEU C 126 -11.75 -15.71 7.27
CA LEU C 126 -11.90 -16.86 6.39
C LEU C 126 -10.71 -17.03 5.45
N ASN C 127 -10.68 -18.20 4.81
CA ASN C 127 -9.60 -18.58 3.90
C ASN C 127 -8.25 -18.48 4.58
N ASN C 128 -8.18 -18.97 5.81
CA ASN C 128 -6.92 -19.26 6.46
C ASN C 128 -6.92 -20.70 6.95
N PRO C 129 -5.74 -21.36 6.97
CA PRO C 129 -5.67 -22.77 7.42
C PRO C 129 -5.60 -22.93 8.93
N TRP C 130 -6.66 -22.50 9.60
CA TRP C 130 -6.72 -22.55 11.05
C TRP C 130 -6.49 -23.98 11.52
N ASP C 131 -5.57 -24.16 12.47
CA ASP C 131 -5.16 -25.49 12.91
C ASP C 131 -5.94 -25.81 14.19
N CYS C 132 -7.13 -26.38 14.02
CA CYS C 132 -8.01 -26.58 15.16
C CYS C 132 -7.70 -27.85 15.96
N ALA C 133 -6.84 -28.75 15.47
CA ALA C 133 -6.44 -29.87 16.30
C ALA C 133 -5.51 -29.43 17.43
N CYS C 134 -4.81 -28.33 17.22
CA CYS C 134 -3.83 -27.78 18.15
C CYS C 134 -4.51 -26.83 19.13
N SER C 135 -4.15 -26.95 20.40
CA SER C 135 -4.82 -26.17 21.43
C SER C 135 -4.59 -24.66 21.33
N ASP C 136 -3.59 -24.20 20.59
CA ASP C 136 -3.44 -22.76 20.39
C ASP C 136 -4.66 -22.10 19.75
N ILE C 137 -5.52 -22.85 19.07
CA ILE C 137 -6.71 -22.26 18.44
C ILE C 137 -7.71 -21.71 19.44
N LEU C 138 -7.56 -22.08 20.73
CA LEU C 138 -8.62 -21.87 21.73
C LEU C 138 -8.88 -20.40 22.04
N TYR C 139 -7.88 -19.54 21.96
CA TYR C 139 -8.14 -18.11 22.14
C TYR C 139 -9.12 -17.61 21.09
N LEU C 140 -8.85 -17.90 19.81
CA LEU C 140 -9.70 -17.43 18.72
C LEU C 140 -11.10 -18.02 18.78
N SER C 141 -11.23 -19.32 19.03
CA SER C 141 -12.55 -19.93 19.03
C SER C 141 -13.42 -19.36 20.14
N GLY C 142 -12.82 -19.12 21.31
CA GLY C 142 -13.56 -18.51 22.40
C GLY C 142 -13.92 -17.08 22.07
N TRP C 143 -12.99 -16.36 21.45
CA TRP C 143 -13.24 -14.98 21.07
C TRP C 143 -14.36 -14.91 20.04
N LEU C 144 -14.35 -15.81 19.06
CA LEU C 144 -15.42 -15.85 18.06
C LEU C 144 -16.77 -16.14 18.71
N GLY C 145 -16.79 -17.01 19.72
CA GLY C 145 -18.03 -17.29 20.42
C GLY C 145 -18.61 -16.08 21.13
N GLN C 146 -17.75 -15.15 21.55
CA GLN C 146 -18.21 -13.98 22.29
C GLN C 146 -18.44 -12.76 21.40
N HIS C 147 -18.01 -12.80 20.14
CA HIS C 147 -18.07 -11.63 19.24
C HIS C 147 -18.51 -12.07 17.85
N ALA C 148 -19.57 -12.89 17.81
CA ALA C 148 -19.93 -13.60 16.59
C ALA C 148 -20.29 -12.65 15.44
N GLY C 149 -21.03 -11.58 15.76
CA GLY C 149 -21.50 -10.62 14.77
C GLY C 149 -20.44 -9.86 14.02
N LYS C 150 -19.18 -9.88 14.47
CA LYS C 150 -18.15 -9.07 13.82
C LYS C 150 -17.55 -9.74 12.59
N GLU C 151 -17.59 -11.06 12.53
CA GLU C 151 -16.92 -11.80 11.48
C GLU C 151 -17.68 -11.73 10.15
N GLN C 152 -16.94 -11.46 9.08
CA GLN C 152 -17.46 -11.40 7.71
C GLN C 152 -17.06 -12.69 7.02
N GLY C 153 -18.02 -13.48 6.59
CA GLY C 153 -17.69 -14.82 6.23
C GLY C 153 -17.49 -15.62 7.50
N GLN C 154 -16.95 -16.83 7.35
CA GLN C 154 -16.82 -17.79 8.44
C GLN C 154 -15.44 -18.40 8.45
N ALA C 155 -14.63 -18.09 9.47
CA ALA C 155 -13.37 -18.80 9.55
C ALA C 155 -13.69 -20.26 9.82
N VAL C 156 -12.96 -21.13 9.14
CA VAL C 156 -13.19 -22.57 9.18
C VAL C 156 -11.94 -23.35 9.52
N CYS C 157 -12.12 -24.46 10.24
CA CYS C 157 -10.99 -25.32 10.58
C CYS C 157 -10.43 -26.07 9.38
N SER C 158 -9.10 -26.07 9.28
CA SER C 158 -8.39 -26.77 8.21
C SER C 158 -8.67 -28.27 8.23
N GLY C 159 -9.04 -28.83 7.09
CA GLY C 159 -9.25 -30.24 6.83
C GLY C 159 -10.55 -30.86 7.31
N THR C 160 -11.47 -30.09 7.88
CA THR C 160 -12.72 -30.64 8.39
C THR C 160 -13.87 -29.71 8.09
N ASN C 161 -13.61 -28.44 7.77
CA ASN C 161 -14.64 -27.50 7.37
C ASN C 161 -15.48 -27.02 8.53
N THR C 162 -15.07 -27.33 9.75
CA THR C 162 -15.86 -27.14 10.95
C THR C 162 -15.54 -25.71 11.32
N PRO C 163 -16.53 -24.82 11.44
CA PRO C 163 -16.18 -23.47 11.87
C PRO C 163 -15.44 -23.41 13.19
N VAL C 164 -14.48 -22.47 13.21
CA VAL C 164 -13.61 -22.17 14.34
C VAL C 164 -14.43 -21.86 15.58
N ARG C 165 -15.56 -21.17 15.39
CA ARG C 165 -16.42 -20.82 16.51
C ARG C 165 -16.91 -22.03 17.27
N ALA C 166 -16.93 -23.21 16.68
CA ALA C 166 -17.54 -24.34 17.37
C ALA C 166 -16.50 -25.15 18.11
N VAL C 167 -15.23 -24.71 18.14
CA VAL C 167 -14.21 -25.51 18.81
C VAL C 167 -14.46 -25.60 20.32
N THR C 168 -14.45 -26.83 20.83
CA THR C 168 -14.44 -27.26 22.23
C THR C 168 -13.05 -27.65 22.77
N GLU C 169 -12.79 -27.36 24.07
CA GLU C 169 -11.50 -27.69 24.66
C GLU C 169 -11.28 -29.21 24.57
N ALA C 170 -12.36 -30.00 24.62
CA ALA C 170 -12.19 -31.45 24.49
C ALA C 170 -11.61 -31.84 23.14
N SER C 171 -11.93 -31.10 22.08
CA SER C 171 -11.43 -31.46 20.77
C SER C 171 -9.96 -31.11 20.57
N THR C 172 -9.37 -30.27 21.42
CA THR C 172 -8.00 -29.81 21.23
C THR C 172 -7.02 -30.61 22.08
N SER C 173 -5.74 -30.45 21.74
CA SER C 173 -4.69 -31.13 22.47
C SER C 173 -3.40 -30.35 22.30
N PRO C 174 -2.59 -30.21 23.34
CA PRO C 174 -1.29 -29.53 23.18
C PRO C 174 -0.31 -30.34 22.35
N SER C 175 -0.43 -31.66 22.30
CA SER C 175 0.54 -32.49 21.59
C SER C 175 0.36 -32.46 20.08
N LYS C 176 -0.77 -31.95 19.58
CA LYS C 176 -0.98 -31.84 18.14
C LYS C 176 -0.59 -30.46 17.61
N CYS C 177 0.38 -29.81 18.23
CA CYS C 177 0.85 -28.48 17.86
C CYS C 177 2.26 -28.56 17.29
N PRO C 178 2.42 -28.73 15.96
CA PRO C 178 3.75 -28.80 15.36
C PRO C 178 4.50 -27.46 15.43
N LEU D 13 59.72 4.75 -6.24
CA LEU D 13 58.99 3.74 -6.99
C LEU D 13 57.77 4.32 -7.71
N TYR D 14 57.43 3.68 -8.84
CA TYR D 14 56.21 3.99 -9.59
C TYR D 14 55.21 2.86 -9.59
N PHE D 15 55.64 1.65 -9.22
CA PHE D 15 54.80 0.46 -9.27
C PHE D 15 55.15 -0.46 -8.11
N GLN D 16 54.13 -1.13 -7.59
CA GLN D 16 54.28 -2.21 -6.62
C GLN D 16 53.37 -3.32 -7.14
N GLY D 17 53.98 -4.31 -7.78
CA GLY D 17 53.21 -5.16 -8.67
C GLY D 17 52.91 -4.41 -9.94
N ALA D 18 51.67 -4.47 -10.42
CA ALA D 18 51.20 -3.65 -11.52
C ALA D 18 50.40 -2.45 -11.05
N CYS D 19 50.27 -2.27 -9.76
CA CYS D 19 49.54 -1.12 -9.25
C CYS D 19 50.43 0.11 -9.22
N PRO D 20 49.96 1.26 -9.71
CA PRO D 20 50.73 2.50 -9.57
C PRO D 20 51.01 2.75 -8.10
N SER D 21 52.23 3.19 -7.80
CA SER D 21 52.67 3.26 -6.42
C SER D 21 51.83 4.20 -5.57
N GLN D 22 51.23 5.24 -6.18
CA GLN D 22 50.41 6.12 -5.36
C GLN D 22 49.04 5.53 -5.07
N CYS D 23 48.65 4.45 -5.72
CA CYS D 23 47.30 3.94 -5.54
C CYS D 23 47.36 2.57 -4.86
N SER D 24 46.18 2.08 -4.49
CA SER D 24 46.01 0.76 -3.89
C SER D 24 45.09 -0.05 -4.81
N CYS D 25 45.49 -1.28 -5.11
CA CYS D 25 44.78 -2.09 -6.08
C CYS D 25 44.35 -3.40 -5.46
N SER D 26 43.15 -3.83 -5.83
CA SER D 26 42.60 -5.10 -5.38
C SER D 26 41.67 -5.62 -6.47
N GLY D 27 41.89 -6.85 -6.92
CA GLY D 27 41.09 -7.38 -7.99
C GLY D 27 41.20 -6.48 -9.22
N THR D 28 40.08 -6.02 -9.75
CA THR D 28 40.07 -5.11 -10.88
C THR D 28 39.76 -3.68 -10.46
N THR D 29 39.89 -3.37 -9.18
CA THR D 29 39.64 -2.04 -8.65
C THR D 29 40.97 -1.34 -8.39
N VAL D 30 41.08 -0.09 -8.86
CA VAL D 30 42.26 0.73 -8.63
C VAL D 30 41.78 1.96 -7.88
N ASP D 31 42.24 2.11 -6.64
CA ASP D 31 41.84 3.17 -5.71
C ASP D 31 42.98 4.16 -5.60
N CYS D 32 42.82 5.31 -6.24
CA CYS D 32 43.77 6.42 -6.16
C CYS D 32 43.21 7.60 -5.36
N SER D 33 42.23 7.36 -4.50
CA SER D 33 41.56 8.46 -3.80
C SER D 33 42.35 8.95 -2.59
N GLY D 34 42.17 10.24 -2.30
CA GLY D 34 42.67 10.88 -1.09
C GLY D 34 44.17 10.89 -0.97
N LYS D 35 44.88 10.97 -2.10
CA LYS D 35 46.34 10.87 -2.11
C LYS D 35 47.01 12.12 -2.66
N SER D 36 46.32 13.27 -2.57
CA SER D 36 46.86 14.57 -3.00
C SER D 36 47.41 14.55 -4.41
N LEU D 37 46.81 13.76 -5.30
CA LEU D 37 47.32 13.62 -6.66
C LEU D 37 46.97 14.83 -7.51
N ALA D 38 47.94 15.29 -8.30
CA ALA D 38 47.70 16.38 -9.26
C ALA D 38 47.32 15.91 -10.64
N SER D 39 47.54 14.63 -10.98
CA SER D 39 47.23 14.11 -12.29
C SER D 39 46.85 12.64 -12.19
N VAL D 40 46.27 12.11 -13.25
CA VAL D 40 45.91 10.69 -13.27
C VAL D 40 47.19 9.85 -13.35
N PRO D 41 47.36 8.85 -12.49
CA PRO D 41 48.57 8.01 -12.56
C PRO D 41 48.66 7.24 -13.86
N GLY D 42 49.90 7.04 -14.32
CA GLY D 42 50.12 6.17 -15.44
C GLY D 42 50.15 4.71 -15.06
N GLY D 43 50.02 3.84 -16.05
CA GLY D 43 50.17 2.42 -15.79
C GLY D 43 48.98 1.77 -15.11
N ILE D 44 47.80 2.37 -15.22
CA ILE D 44 46.56 1.75 -14.72
C ILE D 44 46.26 0.52 -15.57
N PRO D 45 46.05 -0.64 -14.96
CA PRO D 45 45.91 -1.86 -15.77
C PRO D 45 44.68 -1.77 -16.66
N THR D 46 44.80 -2.37 -17.85
CA THR D 46 43.70 -2.34 -18.81
C THR D 46 42.48 -3.16 -18.35
N THR D 47 42.65 -4.03 -17.37
CA THR D 47 41.54 -4.80 -16.82
C THR D 47 40.73 -4.02 -15.81
N THR D 48 41.07 -2.76 -15.55
CA THR D 48 40.40 -2.02 -14.48
C THR D 48 38.92 -1.83 -14.79
N GLN D 49 38.09 -2.21 -13.81
CA GLN D 49 36.65 -2.01 -13.85
C GLN D 49 36.15 -0.88 -12.95
N VAL D 50 36.84 -0.59 -11.84
CA VAL D 50 36.45 0.46 -10.91
C VAL D 50 37.68 1.33 -10.71
N LEU D 51 37.55 2.62 -10.99
CA LEU D 51 38.66 3.57 -10.84
C LEU D 51 38.24 4.68 -9.89
N TYR D 52 38.87 4.74 -8.73
CA TYR D 52 38.60 5.83 -7.79
C TYR D 52 39.67 6.91 -7.95
N LEU D 53 39.26 8.11 -8.33
CA LEU D 53 40.17 9.24 -8.35
C LEU D 53 39.69 10.41 -7.49
N TYR D 54 38.72 10.17 -6.61
CA TYR D 54 38.07 11.26 -5.88
C TYR D 54 38.98 11.80 -4.77
N ASP D 55 38.69 13.03 -4.33
CA ASP D 55 39.40 13.69 -3.23
C ASP D 55 40.90 13.79 -3.52
N ASN D 56 41.22 14.47 -4.62
CA ASN D 56 42.60 14.78 -4.99
C ASN D 56 42.65 16.27 -5.37
N GLN D 57 43.70 16.64 -6.09
CA GLN D 57 43.85 18.01 -6.55
C GLN D 57 44.07 18.04 -8.05
N ILE D 58 43.34 17.20 -8.78
CA ILE D 58 43.52 17.10 -10.23
C ILE D 58 42.85 18.31 -10.86
N THR D 59 43.61 19.08 -11.64
CA THR D 59 43.10 20.30 -12.23
C THR D 59 42.75 20.17 -13.70
N LYS D 60 43.23 19.13 -14.38
CA LYS D 60 42.89 18.93 -15.79
C LYS D 60 43.04 17.45 -16.09
N LEU D 61 42.40 17.02 -17.17
CA LEU D 61 42.63 15.70 -17.74
C LEU D 61 43.30 15.84 -19.09
N GLU D 62 44.32 15.07 -19.33
CA GLU D 62 44.94 15.03 -20.63
C GLU D 62 44.07 14.25 -21.61
N PRO D 63 44.01 14.68 -22.87
CA PRO D 63 43.21 13.97 -23.88
C PRO D 63 43.61 12.51 -24.00
N GLY D 64 42.61 11.63 -24.01
CA GLY D 64 42.80 10.21 -24.16
C GLY D 64 43.18 9.46 -22.90
N VAL D 65 43.18 10.12 -21.74
CA VAL D 65 43.69 9.50 -20.51
C VAL D 65 42.96 8.18 -20.24
N PHE D 66 41.66 8.10 -20.58
CA PHE D 66 40.83 6.93 -20.31
C PHE D 66 40.69 6.05 -21.54
N ASP D 67 41.36 6.38 -22.64
CA ASP D 67 41.01 5.80 -23.95
C ASP D 67 41.20 4.30 -24.01
N ARG D 68 42.08 3.73 -23.18
CA ARG D 68 42.28 2.29 -23.18
C ARG D 68 41.51 1.57 -22.09
N LEU D 69 40.90 2.29 -21.14
CA LEU D 69 40.24 1.62 -20.02
C LEU D 69 38.80 1.28 -20.39
N VAL D 70 38.70 0.45 -21.44
CA VAL D 70 37.43 0.11 -22.07
C VAL D 70 36.56 -0.78 -21.20
N ASN D 71 37.12 -1.34 -20.13
CA ASN D 71 36.44 -2.23 -19.18
C ASN D 71 35.91 -1.51 -17.95
N LEU D 72 36.03 -0.19 -17.89
CA LEU D 72 35.65 0.56 -16.71
C LEU D 72 34.15 0.50 -16.52
N GLN D 73 33.72 0.12 -15.31
CA GLN D 73 32.30 0.15 -14.99
C GLN D 73 31.93 1.32 -14.11
N GLN D 74 32.90 1.89 -13.38
CA GLN D 74 32.65 3.02 -12.49
C GLN D 74 33.84 3.96 -12.60
N LEU D 75 33.57 5.27 -12.68
CA LEU D 75 34.63 6.27 -12.69
C LEU D 75 34.25 7.36 -11.70
N TRP D 76 35.03 7.50 -10.65
CA TRP D 76 34.74 8.44 -9.57
C TRP D 76 35.76 9.58 -9.62
N LEU D 77 35.34 10.74 -10.12
CA LEU D 77 36.22 11.89 -10.30
C LEU D 77 35.85 13.05 -9.38
N GLU D 78 34.93 12.85 -8.45
CA GLU D 78 34.40 13.92 -7.60
C GLU D 78 35.45 14.43 -6.63
N ILE D 79 35.27 15.68 -6.19
CA ILE D 79 36.15 16.35 -5.23
C ILE D 79 37.53 16.47 -5.85
N ASN D 80 37.60 17.23 -6.92
CA ASN D 80 38.85 17.61 -7.55
C ASN D 80 38.71 19.08 -7.94
N GLN D 81 39.57 19.54 -8.84
CA GLN D 81 39.59 20.94 -9.25
C GLN D 81 39.50 21.07 -10.76
N LEU D 82 38.75 20.18 -11.41
CA LEU D 82 38.69 20.18 -12.87
C LEU D 82 37.99 21.44 -13.37
N THR D 83 38.64 22.16 -14.30
CA THR D 83 38.05 23.36 -14.87
C THR D 83 37.46 23.18 -16.27
N SER D 84 37.74 22.07 -16.96
CA SER D 84 37.10 21.76 -18.23
C SER D 84 37.35 20.30 -18.54
N LEU D 85 36.62 19.79 -19.55
CA LEU D 85 36.93 18.45 -20.00
C LEU D 85 37.38 18.46 -21.45
N PRO D 86 38.40 17.66 -21.81
CA PRO D 86 38.77 17.55 -23.22
C PRO D 86 37.69 16.85 -24.02
N ALA D 87 37.52 17.28 -25.27
CA ALA D 87 36.60 16.59 -26.17
C ALA D 87 36.93 15.11 -26.28
N GLY D 88 35.88 14.28 -26.27
CA GLY D 88 36.02 12.84 -26.50
C GLY D 88 36.56 12.01 -25.37
N VAL D 89 36.77 12.57 -24.18
CA VAL D 89 37.51 11.88 -23.11
C VAL D 89 36.81 10.61 -22.63
N PHE D 90 35.48 10.53 -22.77
CA PHE D 90 34.74 9.34 -22.34
C PHE D 90 34.33 8.44 -23.49
N ASP D 91 34.75 8.76 -24.72
CA ASP D 91 34.17 8.14 -25.90
C ASP D 91 34.42 6.63 -25.92
N ASN D 92 35.50 6.15 -25.33
CA ASN D 92 35.81 4.73 -25.41
C ASN D 92 35.24 3.93 -24.24
N LEU D 93 34.53 4.57 -23.32
CA LEU D 93 34.04 3.88 -22.12
C LEU D 93 32.61 3.36 -22.28
N THR D 94 32.43 2.46 -23.25
CA THR D 94 31.08 2.07 -23.59
C THR D 94 30.41 1.24 -22.49
N GLN D 95 31.17 0.63 -21.58
CA GLN D 95 30.55 -0.09 -20.47
C GLN D 95 30.28 0.78 -19.25
N LEU D 96 30.56 2.07 -19.33
CA LEU D 96 30.49 2.94 -18.16
C LEU D 96 29.05 3.08 -17.69
N SER D 97 28.78 2.76 -16.43
CA SER D 97 27.44 2.96 -15.87
C SER D 97 27.39 4.07 -14.82
N ILE D 98 28.50 4.31 -14.10
CA ILE D 98 28.59 5.26 -13.00
C ILE D 98 29.69 6.26 -13.34
N LEU D 99 29.32 7.55 -13.42
CA LEU D 99 30.24 8.66 -13.72
C LEU D 99 29.96 9.79 -12.73
N ASN D 100 30.90 10.03 -11.81
CA ASN D 100 30.74 10.97 -10.69
C ASN D 100 31.69 12.15 -10.82
N MET D 101 31.12 13.35 -11.02
CA MET D 101 31.96 14.53 -11.15
C MET D 101 31.55 15.69 -10.24
N HIS D 102 30.84 15.43 -9.14
CA HIS D 102 30.43 16.56 -8.32
C HIS D 102 31.64 17.20 -7.60
N THR D 103 31.45 18.45 -7.20
CA THR D 103 32.45 19.23 -6.46
C THR D 103 33.74 19.34 -7.28
N ASN D 104 33.61 19.99 -8.43
CA ASN D 104 34.72 20.36 -9.30
C ASN D 104 34.51 21.80 -9.73
N GLN D 105 35.24 22.26 -10.75
CA GLN D 105 35.16 23.65 -11.20
C GLN D 105 34.63 23.75 -12.62
N LEU D 106 33.79 22.80 -13.03
CA LEU D 106 33.33 22.74 -14.41
C LEU D 106 32.31 23.82 -14.70
N LYS D 107 32.46 24.49 -15.85
CA LYS D 107 31.47 25.48 -16.26
C LYS D 107 30.56 24.97 -17.36
N SER D 108 31.01 23.97 -18.12
CA SER D 108 30.20 23.37 -19.17
C SER D 108 30.81 22.00 -19.50
N ILE D 109 30.11 21.26 -20.35
CA ILE D 109 30.57 19.97 -20.85
C ILE D 109 30.71 20.07 -22.36
N PRO D 110 31.83 19.61 -22.93
CA PRO D 110 32.01 19.72 -24.38
C PRO D 110 30.90 19.01 -25.14
N ARG D 111 30.52 19.58 -26.28
CA ARG D 111 29.40 19.06 -27.03
C ARG D 111 29.66 17.60 -27.38
N GLY D 112 28.67 16.76 -27.10
CA GLY D 112 28.72 15.34 -27.38
C GLY D 112 29.50 14.50 -26.38
N ALA D 113 29.92 15.09 -25.26
CA ALA D 113 30.83 14.39 -24.34
C ALA D 113 30.27 13.05 -23.86
N PHE D 114 28.95 12.93 -23.68
CA PHE D 114 28.36 11.72 -23.12
C PHE D 114 27.72 10.84 -24.17
N ASP D 115 27.92 11.19 -25.45
CA ASP D 115 27.21 10.54 -26.54
C ASP D 115 27.43 9.03 -26.55
N ASN D 116 28.64 8.58 -26.24
CA ASN D 116 29.01 7.17 -26.36
C ASN D 116 28.68 6.35 -25.12
N LEU D 117 28.13 6.96 -24.07
CA LEU D 117 27.98 6.32 -22.76
C LEU D 117 26.61 5.66 -22.69
N LYS D 118 26.41 4.67 -23.56
CA LYS D 118 25.12 3.98 -23.68
C LYS D 118 24.79 3.08 -22.49
N SER D 119 25.76 2.73 -21.66
CA SER D 119 25.50 1.94 -20.46
C SER D 119 25.37 2.80 -19.21
N LEU D 120 25.41 4.11 -19.35
CA LEU D 120 25.36 5.01 -18.21
C LEU D 120 24.01 4.95 -17.52
N THR D 121 24.02 4.77 -16.19
CA THR D 121 22.80 4.78 -15.41
C THR D 121 22.82 5.76 -14.25
N HIS D 122 23.99 6.18 -13.77
CA HIS D 122 24.13 7.11 -12.64
C HIS D 122 25.17 8.16 -12.97
N ILE D 123 24.80 9.44 -12.93
CA ILE D 123 25.74 10.53 -13.15
C ILE D 123 25.54 11.61 -12.10
N TRP D 124 26.64 12.10 -11.52
CA TRP D 124 26.61 13.18 -10.53
C TRP D 124 27.24 14.43 -11.13
N LEU D 125 26.49 15.53 -11.11
CA LEU D 125 26.97 16.78 -11.67
C LEU D 125 26.83 17.99 -10.74
N LEU D 126 26.16 17.85 -9.60
CA LEU D 126 25.91 18.96 -8.69
C LEU D 126 27.21 19.52 -8.12
N ASN D 127 27.07 20.67 -7.46
CA ASN D 127 28.20 21.37 -6.87
C ASN D 127 29.28 21.64 -7.91
N ASN D 128 28.86 22.08 -9.07
CA ASN D 128 29.77 22.69 -10.03
C ASN D 128 29.22 24.06 -10.40
N PRO D 129 30.10 25.02 -10.69
CA PRO D 129 29.66 26.38 -11.05
C PRO D 129 29.26 26.50 -12.51
N TRP D 130 28.20 25.77 -12.88
CA TRP D 130 27.76 25.76 -14.26
C TRP D 130 27.47 27.17 -14.74
N ASP D 131 28.04 27.52 -15.88
CA ASP D 131 27.99 28.87 -16.42
C ASP D 131 26.87 28.86 -17.45
N CYS D 132 25.64 29.13 -17.01
CA CYS D 132 24.54 28.99 -17.95
C CYS D 132 24.39 30.21 -18.84
N ALA D 133 25.08 31.30 -18.49
CA ALA D 133 25.22 32.53 -19.25
C ALA D 133 26.13 32.40 -20.48
N CYS D 134 26.17 31.27 -21.19
CA CYS D 134 27.12 31.20 -22.31
C CYS D 134 26.76 30.30 -23.48
N SER D 135 25.65 29.57 -23.38
CA SER D 135 25.22 28.59 -24.37
C SER D 135 26.15 27.40 -24.50
N ASP D 136 27.40 27.45 -24.01
CA ASP D 136 28.15 26.21 -24.00
C ASP D 136 27.44 25.17 -23.14
N ILE D 137 26.58 25.63 -22.22
CA ILE D 137 25.80 24.79 -21.33
C ILE D 137 24.75 23.99 -22.08
N LEU D 138 24.46 24.37 -23.34
CA LEU D 138 23.26 23.88 -24.02
C LEU D 138 23.34 22.40 -24.31
N TYR D 139 24.54 21.85 -24.54
CA TYR D 139 24.63 20.40 -24.68
C TYR D 139 24.16 19.74 -23.40
N LEU D 140 24.70 20.20 -22.26
CA LEU D 140 24.35 19.62 -20.96
C LEU D 140 22.89 19.80 -20.64
N SER D 141 22.35 21.01 -20.84
CA SER D 141 20.96 21.24 -20.48
C SER D 141 20.02 20.38 -21.31
N GLY D 142 20.31 20.24 -22.60
CA GLY D 142 19.50 19.37 -23.44
C GLY D 142 19.65 17.92 -23.04
N TRP D 143 20.89 17.52 -22.75
CA TRP D 143 21.17 16.14 -22.34
C TRP D 143 20.47 15.80 -21.04
N LEU D 144 20.49 16.72 -20.07
CA LEU D 144 19.79 16.48 -18.81
C LEU D 144 18.29 16.35 -19.03
N GLY D 145 17.74 17.14 -19.95
CA GLY D 145 16.33 17.03 -20.28
C GLY D 145 15.94 15.68 -20.85
N GLN D 146 16.88 15.02 -21.53
CA GLN D 146 16.59 13.75 -22.18
C GLN D 146 16.95 12.55 -21.32
N HIS D 147 17.64 12.74 -20.19
CA HIS D 147 18.16 11.64 -19.37
C HIS D 147 17.96 11.94 -17.90
N ALA D 148 16.75 12.38 -17.53
CA ALA D 148 16.52 12.95 -16.21
C ALA D 148 16.78 11.95 -15.08
N GLY D 149 16.36 10.71 -15.26
CA GLY D 149 16.51 9.67 -14.25
C GLY D 149 17.93 9.32 -13.87
N LYS D 150 18.93 9.72 -14.64
CA LYS D 150 20.31 9.29 -14.36
C LYS D 150 20.99 10.17 -13.31
N GLU D 151 20.56 11.42 -13.17
CA GLU D 151 21.24 12.39 -12.31
C GLU D 151 20.98 12.16 -10.83
N GLN D 152 22.06 12.17 -10.03
CA GLN D 152 22.03 12.06 -8.58
C GLN D 152 22.24 13.45 -7.99
N GLY D 153 21.27 13.96 -7.26
CA GLY D 153 21.35 15.36 -6.95
C GLY D 153 20.96 16.17 -8.17
N GLN D 154 21.20 17.47 -8.10
CA GLN D 154 20.74 18.42 -9.12
C GLN D 154 21.83 19.41 -9.50
N ALA D 155 22.35 19.30 -10.73
CA ALA D 155 23.26 20.33 -11.18
C ALA D 155 22.51 21.64 -11.29
N VAL D 156 23.16 22.72 -10.86
CA VAL D 156 22.55 24.03 -10.79
C VAL D 156 23.34 25.13 -11.49
N CYS D 157 22.63 26.11 -12.05
CA CYS D 157 23.28 27.25 -12.68
C CYS D 157 23.97 28.11 -11.65
N SER D 158 25.19 28.53 -11.98
CA SER D 158 25.98 29.36 -11.08
C SER D 158 25.21 30.62 -10.73
N GLY D 159 25.13 30.90 -9.44
CA GLY D 159 24.49 32.11 -8.92
C GLY D 159 22.98 32.15 -8.82
N THR D 160 22.28 31.82 -9.91
CA THR D 160 20.82 31.91 -9.90
C THR D 160 20.15 30.69 -9.30
N ASN D 161 20.79 29.53 -9.32
CA ASN D 161 20.27 28.31 -8.69
C ASN D 161 19.26 27.61 -9.57
N THR D 162 19.15 28.04 -10.83
CA THR D 162 18.09 27.64 -11.71
C THR D 162 18.66 26.33 -12.22
N PRO D 163 17.96 25.22 -12.07
CA PRO D 163 18.50 23.97 -12.60
C PRO D 163 18.84 23.99 -14.08
N VAL D 164 19.97 23.34 -14.37
CA VAL D 164 20.52 23.18 -15.70
C VAL D 164 19.53 22.54 -16.66
N ARG D 165 18.77 21.54 -16.19
CA ARG D 165 17.78 20.90 -17.06
C ARG D 165 16.75 21.89 -17.54
N ALA D 166 16.54 22.97 -16.80
CA ALA D 166 15.50 23.95 -17.08
C ALA D 166 16.06 25.14 -17.85
N VAL D 167 16.93 24.94 -18.84
CA VAL D 167 17.54 26.08 -19.55
C VAL D 167 17.01 26.14 -20.98
N THR D 168 16.60 27.35 -21.36
CA THR D 168 16.18 27.83 -22.69
C THR D 168 17.29 28.43 -23.53
N GLU D 169 17.20 28.20 -24.84
CA GLU D 169 18.20 28.72 -25.75
C GLU D 169 18.24 30.24 -25.66
N ALA D 170 17.07 30.85 -25.36
CA ALA D 170 16.97 32.29 -25.22
C ALA D 170 17.78 32.85 -24.07
N SER D 171 17.96 32.10 -22.99
CA SER D 171 18.70 32.68 -21.88
C SER D 171 20.19 32.74 -22.18
N THR D 172 20.64 32.04 -23.22
CA THR D 172 22.06 31.94 -23.54
C THR D 172 22.48 32.92 -24.63
N SER D 173 23.80 33.09 -24.74
CA SER D 173 24.36 33.97 -25.74
C SER D 173 25.78 33.52 -26.00
N PRO D 174 26.26 33.50 -27.24
CA PRO D 174 27.67 33.16 -27.48
C PRO D 174 28.64 34.23 -26.99
N SER D 175 28.19 35.49 -26.92
CA SER D 175 29.01 36.64 -26.55
C SER D 175 29.26 36.76 -25.05
N LYS D 176 28.53 36.02 -24.22
CA LYS D 176 28.70 36.03 -22.77
C LYS D 176 29.64 34.94 -22.27
N CYS D 177 30.64 34.56 -23.06
CA CYS D 177 31.56 33.50 -22.67
C CYS D 177 32.94 34.06 -22.36
#